data_8QN0
#
_entry.id   8QN0
#
_cell.length_a   47.332
_cell.length_b   80.478
_cell.length_c   90.038
_cell.angle_alpha   90.00
_cell.angle_beta   92.14
_cell.angle_gamma   90.00
#
_symmetry.space_group_name_H-M   'P 1 21 1'
#
loop_
_entity.id
_entity.type
_entity.pdbx_description
1 polymer 'Bifunctional epoxide hydrolase 2'
2 non-polymer (3~{a}~{R},6~{a}~{S})-~{N}-[(2,4-dichlorophenyl)methyl]-5-(4-methylphenyl)sulfonyl-1,3,3~{a},4,6,6~{a}-hexahydropyrrolo[3,4-c]pyrrole-2-carboxamide
3 non-polymer 1,2-ETHANEDIOL
4 water water
#
_entity_poly.entity_id   1
_entity_poly.type   'polypeptide(L)'
_entity_poly.pdbx_seq_one_letter_code
;MGSSHHHHHHSSGLVPRGSHMASMLNTPAPLPTSCNPSDMSHGYVTVKPRVRLHFVELGSGPAVCLCHGFPESWYSWRYQ
IPALAQAGYRVLAMDMKGYGESSAPPEIEEYCMEVLCKEMVTFLDKLGLSQAVFIGHDWGGMLVWYMALFYPERVRAVAS
LNTPFIPANPNMSPLESIKANPVFDYQLYFQEPGVAEAELEQNLSRTFKSLFRASDESVLSMHKVCEAGGLFVNSPEEPS
LSRMVTEEEIQFYVQQFKKSGFRGPLNWYRNMERNWKWACKSLGRKILIPALMVTAEKDFVLVPQMSQHMEDWIPHLKRG
HIEDCGHWTQMDKPTEVNQILIKWLDSDARNPPVVSKMLLEHHHHHH
;
_entity_poly.pdbx_strand_id   A,B
#
loop_
_chem_comp.id
_chem_comp.type
_chem_comp.name
_chem_comp.formula
EDO non-polymer 1,2-ETHANEDIOL 'C2 H6 O2'
WJ5 non-polymer (3~{a}~{R},6~{a}~{S})-~{N}-[(2,4-dichlorophenyl)methyl]-5-(4-methylphenyl)sulfonyl-1,3,3~{a},4,6,6~{a}-hexahydropyrrolo[3,4-c]pyrrole-2-carboxamide 'C21 H23 Cl2 N3 O3 S'
#
# COMPACT_ATOMS: atom_id res chain seq x y z
N ALA A 29 -6.93 30.01 -13.54
CA ALA A 29 -7.25 28.58 -13.79
C ALA A 29 -6.28 27.64 -13.05
N PRO A 30 -6.02 27.82 -11.73
CA PRO A 30 -4.83 27.27 -11.05
C PRO A 30 -4.77 25.74 -11.04
N LEU A 31 -3.58 25.17 -11.23
CA LEU A 31 -3.42 23.73 -11.35
C LEU A 31 -3.80 23.06 -10.04
N PRO A 32 -4.43 21.87 -10.11
CA PRO A 32 -4.65 21.09 -8.90
C PRO A 32 -3.32 20.73 -8.28
N THR A 33 -3.41 20.38 -7.01
CA THR A 33 -2.29 19.80 -6.29
C THR A 33 -1.76 18.60 -7.07
N SER A 34 -0.45 18.39 -7.04
CA SER A 34 0.20 17.27 -7.71
C SER A 34 0.80 16.32 -6.66
N CYS A 35 1.65 15.40 -7.08
CA CYS A 35 2.27 14.44 -6.20
C CYS A 35 3.77 14.51 -6.31
N ASN A 36 4.43 14.36 -5.14
CA ASN A 36 5.85 14.23 -5.05
C ASN A 36 6.13 12.75 -4.79
N PRO A 37 6.72 12.01 -5.74
CA PRO A 37 6.92 10.58 -5.60
C PRO A 37 7.48 10.08 -4.27
N SER A 38 8.45 10.82 -3.70
N SER A 38 8.45 10.81 -3.70
CA SER A 38 9.10 10.40 -2.46
CA SER A 38 9.10 10.37 -2.46
C SER A 38 8.17 10.58 -1.26
C SER A 38 8.17 10.57 -1.26
N ASP A 39 7.08 11.31 -1.43
CA ASP A 39 6.11 11.54 -0.38
C ASP A 39 4.93 10.58 -0.45
N MET A 40 4.97 9.61 -1.37
CA MET A 40 3.82 8.74 -1.52
C MET A 40 4.05 7.43 -0.75
N SER A 41 2.96 6.72 -0.45
CA SER A 41 3.02 5.34 -0.01
C SER A 41 3.14 4.47 -1.26
N HIS A 42 4.17 3.64 -1.28
CA HIS A 42 4.46 2.74 -2.38
C HIS A 42 4.10 1.32 -1.98
N GLY A 43 3.28 0.66 -2.79
CA GLY A 43 2.82 -0.69 -2.51
C GLY A 43 3.29 -1.65 -3.61
N TYR A 44 3.45 -2.92 -3.25
CA TYR A 44 3.98 -3.95 -4.12
C TYR A 44 3.21 -5.23 -3.84
N VAL A 45 2.62 -5.82 -4.88
CA VAL A 45 1.87 -7.07 -4.78
C VAL A 45 2.47 -8.03 -5.78
N THR A 46 2.86 -9.23 -5.31
CA THR A 46 3.35 -10.25 -6.21
C THR A 46 2.18 -11.07 -6.67
N VAL A 47 1.77 -10.94 -7.93
CA VAL A 47 0.59 -11.61 -8.46
C VAL A 47 0.98 -13.00 -8.97
N LYS A 48 2.22 -13.18 -9.32
CA LYS A 48 2.77 -14.46 -9.75
C LYS A 48 4.24 -14.46 -9.37
N PRO A 49 4.94 -15.62 -9.34
CA PRO A 49 6.35 -15.61 -8.95
C PRO A 49 7.22 -14.57 -9.66
N ARG A 50 7.06 -14.34 -10.96
CA ARG A 50 7.90 -13.40 -11.67
C ARG A 50 7.24 -12.04 -11.91
N VAL A 51 6.01 -11.82 -11.38
CA VAL A 51 5.31 -10.58 -11.65
C VAL A 51 4.86 -9.88 -10.39
N ARG A 52 5.49 -8.74 -10.13
CA ARG A 52 5.14 -7.90 -9.00
C ARG A 52 4.65 -6.56 -9.55
N LEU A 53 3.49 -6.14 -9.08
CA LEU A 53 2.92 -4.87 -9.50
C LEU A 53 3.07 -3.83 -8.41
N HIS A 54 3.55 -2.64 -8.81
CA HIS A 54 3.72 -1.49 -7.95
C HIS A 54 2.59 -0.51 -8.16
N PHE A 55 2.24 0.14 -7.05
CA PHE A 55 1.26 1.19 -7.07
C PHE A 55 1.58 2.19 -5.97
N VAL A 56 0.98 3.37 -6.13
CA VAL A 56 0.95 4.34 -5.05
C VAL A 56 -0.46 4.41 -4.51
N GLU A 57 -0.58 4.72 -3.21
CA GLU A 57 -1.86 4.68 -2.52
C GLU A 57 -2.05 5.91 -1.67
N LEU A 58 -3.17 6.61 -1.83
CA LEU A 58 -3.48 7.78 -1.04
C LEU A 58 -4.96 7.84 -0.75
N GLY A 59 -5.32 8.15 0.51
CA GLY A 59 -6.71 8.37 0.85
C GLY A 59 -7.39 7.21 1.57
N SER A 60 -8.52 7.55 2.19
CA SER A 60 -9.42 6.57 2.79
C SER A 60 -10.72 6.54 2.01
N GLY A 61 -11.44 5.45 2.15
CA GLY A 61 -12.73 5.36 1.49
C GLY A 61 -12.76 4.19 0.49
N PRO A 62 -13.75 4.21 -0.41
CA PRO A 62 -13.92 3.14 -1.41
C PRO A 62 -12.69 3.17 -2.32
N ALA A 63 -12.20 1.98 -2.68
CA ALA A 63 -11.05 1.79 -3.53
C ALA A 63 -11.32 2.19 -4.97
N VAL A 64 -10.42 3.01 -5.50
CA VAL A 64 -10.43 3.44 -6.89
C VAL A 64 -9.07 3.17 -7.48
N CYS A 65 -9.04 2.35 -8.52
N CYS A 65 -9.04 2.27 -8.47
CA CYS A 65 -7.80 1.87 -9.16
CA CYS A 65 -7.84 1.88 -9.17
C CYS A 65 -7.65 2.59 -10.51
C CYS A 65 -7.75 2.75 -10.42
N LEU A 66 -6.58 3.41 -10.60
CA LEU A 66 -6.27 4.19 -11.80
C LEU A 66 -5.24 3.47 -12.65
N CYS A 67 -5.53 3.34 -13.95
CA CYS A 67 -4.74 2.52 -14.89
C CYS A 67 -4.34 3.36 -16.11
N HIS A 68 -3.06 3.67 -16.22
CA HIS A 68 -2.49 4.54 -17.24
C HIS A 68 -2.33 3.84 -18.59
N GLY A 69 -1.94 4.68 -19.56
CA GLY A 69 -1.76 4.21 -20.92
C GLY A 69 -0.30 4.19 -21.37
N PHE A 70 -0.17 4.22 -22.73
CA PHE A 70 1.17 4.10 -23.29
C PHE A 70 1.68 5.46 -23.75
N PRO A 71 2.96 5.84 -23.53
CA PRO A 71 3.92 5.21 -22.61
C PRO A 71 4.05 6.01 -21.33
N GLU A 72 3.20 5.66 -20.35
CA GLU A 72 3.00 6.53 -19.20
C GLU A 72 3.47 5.89 -17.90
N SER A 73 2.80 6.20 -16.80
CA SER A 73 3.26 5.95 -15.43
C SER A 73 2.08 6.14 -14.49
N TRP A 74 2.18 5.61 -13.27
CA TRP A 74 1.27 6.06 -12.22
C TRP A 74 1.23 7.58 -12.14
N TYR A 75 2.37 8.22 -12.43
CA TYR A 75 2.54 9.65 -12.23
C TYR A 75 1.74 10.47 -13.24
N SER A 76 1.21 9.79 -14.30
CA SER A 76 0.29 10.46 -15.21
C SER A 76 -0.96 10.92 -14.49
N TRP A 77 -1.30 10.24 -13.39
CA TRP A 77 -2.44 10.62 -12.57
C TRP A 77 -2.12 11.58 -11.43
N ARG A 78 -0.98 12.28 -11.45
CA ARG A 78 -0.51 13.14 -10.36
C ARG A 78 -1.52 14.22 -9.96
N TYR A 79 -2.29 14.74 -10.91
CA TYR A 79 -3.29 15.74 -10.57
C TYR A 79 -4.61 15.17 -10.07
N GLN A 80 -4.89 13.89 -10.37
CA GLN A 80 -6.08 13.23 -9.91
C GLN A 80 -5.92 12.62 -8.51
N ILE A 81 -4.78 12.10 -8.19
CA ILE A 81 -4.60 11.33 -6.97
C ILE A 81 -4.96 12.18 -5.75
N PRO A 82 -4.43 13.40 -5.55
CA PRO A 82 -4.81 14.16 -4.35
C PRO A 82 -6.28 14.54 -4.36
N ALA A 83 -6.80 14.98 -5.51
CA ALA A 83 -8.17 15.41 -5.63
C ALA A 83 -9.13 14.30 -5.26
N LEU A 84 -8.92 13.09 -5.80
CA LEU A 84 -9.83 11.98 -5.51
C LEU A 84 -9.72 11.58 -4.04
N ALA A 85 -8.51 11.56 -3.47
CA ALA A 85 -8.36 11.28 -2.03
C ALA A 85 -9.09 12.33 -1.18
N GLN A 86 -8.96 13.61 -1.51
N GLN A 86 -8.97 13.61 -1.53
CA GLN A 86 -9.67 14.68 -0.79
CA GLN A 86 -9.64 14.67 -0.80
C GLN A 86 -11.18 14.49 -0.90
C GLN A 86 -11.16 14.54 -0.93
N ALA A 87 -11.65 13.95 -2.03
CA ALA A 87 -13.08 13.77 -2.28
C ALA A 87 -13.63 12.56 -1.54
N GLY A 88 -12.77 11.84 -0.82
CA GLY A 88 -13.22 10.74 0.04
C GLY A 88 -13.05 9.35 -0.56
N TYR A 89 -12.00 9.14 -1.40
CA TYR A 89 -11.71 7.86 -2.01
C TYR A 89 -10.30 7.40 -1.63
N ARG A 90 -10.14 6.07 -1.59
CA ARG A 90 -8.85 5.43 -1.46
C ARG A 90 -8.29 5.14 -2.86
N VAL A 91 -7.28 5.89 -3.27
CA VAL A 91 -6.75 5.83 -4.63
C VAL A 91 -5.55 4.87 -4.70
N LEU A 92 -5.62 3.94 -5.66
CA LEU A 92 -4.50 3.06 -5.96
C LEU A 92 -4.13 3.34 -7.41
N ALA A 93 -3.01 4.01 -7.58
CA ALA A 93 -2.55 4.36 -8.92
C ALA A 93 -1.41 3.41 -9.32
N MET A 94 -1.70 2.61 -10.36
CA MET A 94 -0.78 1.55 -10.75
C MET A 94 0.37 2.02 -11.67
N ASP A 95 1.54 1.37 -11.54
CA ASP A 95 2.42 1.15 -12.68
C ASP A 95 1.91 -0.11 -13.37
N MET A 96 1.48 0.01 -14.62
CA MET A 96 0.96 -1.15 -15.29
C MET A 96 2.11 -2.11 -15.62
N LYS A 97 1.77 -3.36 -15.85
CA LYS A 97 2.80 -4.34 -16.19
C LYS A 97 3.63 -3.81 -17.36
N GLY A 98 4.96 -3.92 -17.22
CA GLY A 98 5.89 -3.42 -18.20
C GLY A 98 6.48 -2.06 -17.89
N TYR A 99 5.98 -1.38 -16.84
CA TYR A 99 6.25 0.01 -16.55
C TYR A 99 6.84 0.25 -15.17
N GLY A 100 7.78 1.20 -15.06
CA GLY A 100 8.16 1.75 -13.79
C GLY A 100 8.76 0.69 -12.87
N GLU A 101 8.23 0.65 -11.66
CA GLU A 101 8.67 -0.37 -10.70
C GLU A 101 7.89 -1.67 -10.81
N SER A 102 6.95 -1.82 -11.74
CA SER A 102 6.30 -3.10 -11.95
C SER A 102 7.20 -4.00 -12.80
N SER A 103 6.98 -5.31 -12.69
CA SER A 103 7.76 -6.28 -13.48
C SER A 103 7.53 -6.01 -14.97
N ALA A 104 8.55 -6.32 -15.78
CA ALA A 104 8.52 -6.12 -17.22
C ALA A 104 9.14 -7.35 -17.88
N PRO A 105 8.49 -8.53 -17.84
CA PRO A 105 9.02 -9.71 -18.55
C PRO A 105 9.10 -9.42 -20.05
N PRO A 106 10.02 -10.09 -20.76
CA PRO A 106 10.23 -9.79 -22.16
C PRO A 106 9.19 -10.40 -23.13
N GLU A 107 8.50 -11.46 -22.72
CA GLU A 107 7.65 -12.25 -23.59
C GLU A 107 6.45 -11.43 -24.03
N ILE A 108 6.16 -11.47 -25.33
CA ILE A 108 5.01 -10.74 -25.85
C ILE A 108 3.70 -11.16 -25.19
N GLU A 109 3.50 -12.47 -25.00
CA GLU A 109 2.20 -12.97 -24.59
C GLU A 109 1.92 -12.66 -23.12
N GLU A 110 2.91 -12.15 -22.38
CA GLU A 110 2.72 -11.69 -21.01
C GLU A 110 1.85 -10.43 -20.98
N TYR A 111 1.63 -9.81 -22.14
CA TYR A 111 0.97 -8.51 -22.22
C TYR A 111 -0.35 -8.57 -23.00
N CYS A 112 -0.91 -9.75 -23.19
CA CYS A 112 -2.22 -9.85 -23.81
C CYS A 112 -3.26 -9.48 -22.76
N MET A 113 -4.40 -9.00 -23.20
CA MET A 113 -5.44 -8.50 -22.29
C MET A 113 -5.94 -9.59 -21.34
N GLU A 114 -5.98 -10.86 -21.79
CA GLU A 114 -6.44 -11.93 -20.93
C GLU A 114 -5.52 -12.04 -19.70
N VAL A 115 -4.22 -12.04 -19.95
CA VAL A 115 -3.24 -12.15 -18.89
C VAL A 115 -3.27 -10.91 -17.98
N LEU A 116 -3.39 -9.74 -18.58
CA LEU A 116 -3.27 -8.52 -17.81
C LEU A 116 -4.51 -8.40 -16.90
N CYS A 117 -5.68 -8.78 -17.39
CA CYS A 117 -6.91 -8.64 -16.60
C CYS A 117 -6.89 -9.68 -15.46
N LYS A 118 -6.47 -10.92 -15.75
CA LYS A 118 -6.39 -11.91 -14.68
C LYS A 118 -5.40 -11.48 -13.59
N GLU A 119 -4.32 -10.81 -13.95
CA GLU A 119 -3.38 -10.29 -12.96
C GLU A 119 -4.03 -9.22 -12.08
N MET A 120 -4.89 -8.36 -12.65
CA MET A 120 -5.55 -7.33 -11.87
C MET A 120 -6.56 -7.95 -10.92
N VAL A 121 -7.23 -9.03 -11.32
CA VAL A 121 -8.08 -9.79 -10.40
C VAL A 121 -7.26 -10.33 -9.22
N THR A 122 -6.10 -10.93 -9.52
CA THR A 122 -5.26 -11.44 -8.46
C THR A 122 -4.79 -10.31 -7.55
N PHE A 123 -4.50 -9.14 -8.14
CA PHE A 123 -4.09 -7.99 -7.37
C PHE A 123 -5.16 -7.63 -6.35
N LEU A 124 -6.44 -7.54 -6.76
CA LEU A 124 -7.51 -7.28 -5.82
C LEU A 124 -7.56 -8.37 -4.76
N ASP A 125 -7.40 -9.63 -5.17
CA ASP A 125 -7.46 -10.72 -4.22
C ASP A 125 -6.38 -10.59 -3.12
N LYS A 126 -5.15 -10.26 -3.54
CA LYS A 126 -4.05 -10.17 -2.57
C LYS A 126 -4.24 -8.99 -1.61
N LEU A 127 -4.84 -7.90 -2.09
CA LEU A 127 -5.15 -6.74 -1.28
C LEU A 127 -6.36 -6.94 -0.38
N GLY A 128 -7.15 -7.98 -0.65
CA GLY A 128 -8.36 -8.25 0.09
C GLY A 128 -9.48 -7.30 -0.27
N LEU A 129 -9.54 -6.92 -1.55
CA LEU A 129 -10.58 -6.05 -2.08
C LEU A 129 -11.62 -6.85 -2.85
N SER A 130 -12.85 -6.86 -2.40
CA SER A 130 -13.91 -7.55 -3.13
C SER A 130 -14.16 -6.87 -4.48
N GLN A 131 -14.18 -5.53 -4.46
CA GLN A 131 -14.35 -4.77 -5.67
C GLN A 131 -13.47 -3.53 -5.60
N ALA A 132 -13.26 -2.91 -6.77
CA ALA A 132 -12.74 -1.56 -6.84
C ALA A 132 -13.44 -0.85 -7.99
N VAL A 133 -13.45 0.49 -7.93
CA VAL A 133 -13.78 1.27 -9.11
C VAL A 133 -12.54 1.30 -10.02
N PHE A 134 -12.71 1.04 -11.30
CA PHE A 134 -11.58 1.08 -12.21
C PHE A 134 -11.73 2.28 -13.16
N ILE A 135 -10.67 3.10 -13.23
CA ILE A 135 -10.63 4.26 -14.10
C ILE A 135 -9.36 4.11 -14.95
N GLY A 136 -9.55 4.14 -16.25
CA GLY A 136 -8.42 3.94 -17.16
C GLY A 136 -8.34 5.01 -18.23
N HIS A 137 -7.14 5.16 -18.80
CA HIS A 137 -6.92 6.05 -19.93
C HIS A 137 -6.13 5.25 -20.98
N ASP A 138 -6.48 5.44 -22.25
CA ASP A 138 -5.67 4.87 -23.33
C ASP A 138 -5.65 3.34 -23.18
N TRP A 139 -4.49 2.69 -23.23
CA TRP A 139 -4.46 1.24 -23.08
C TRP A 139 -4.99 0.84 -21.71
N GLY A 140 -4.83 1.68 -20.69
CA GLY A 140 -5.45 1.37 -19.42
C GLY A 140 -6.99 1.43 -19.49
N GLY A 141 -7.55 2.28 -20.37
CA GLY A 141 -8.98 2.30 -20.65
C GLY A 141 -9.45 1.02 -21.29
N MET A 142 -8.68 0.48 -22.25
CA MET A 142 -9.04 -0.78 -22.82
C MET A 142 -9.08 -1.86 -21.73
N LEU A 143 -8.08 -1.88 -20.87
CA LEU A 143 -8.06 -2.86 -19.80
C LEU A 143 -9.26 -2.75 -18.90
N VAL A 144 -9.64 -1.54 -18.48
CA VAL A 144 -10.74 -1.45 -17.54
C VAL A 144 -12.07 -1.81 -18.20
N TRP A 145 -12.24 -1.59 -19.49
CA TRP A 145 -13.43 -2.11 -20.18
C TRP A 145 -13.48 -3.63 -20.12
N TYR A 146 -12.36 -4.28 -20.39
CA TYR A 146 -12.37 -5.74 -20.33
C TYR A 146 -12.58 -6.24 -18.91
N MET A 147 -12.03 -5.56 -17.91
CA MET A 147 -12.34 -5.91 -16.52
C MET A 147 -13.84 -5.85 -16.28
N ALA A 148 -14.51 -4.78 -16.76
CA ALA A 148 -15.93 -4.65 -16.53
C ALA A 148 -16.68 -5.72 -17.31
N LEU A 149 -16.20 -6.08 -18.48
CA LEU A 149 -16.90 -7.03 -19.34
C LEU A 149 -16.83 -8.43 -18.76
N PHE A 150 -15.64 -8.87 -18.42
CA PHE A 150 -15.39 -10.26 -18.01
C PHE A 150 -15.35 -10.49 -16.51
N TYR A 151 -15.12 -9.44 -15.69
CA TYR A 151 -15.03 -9.56 -14.23
C TYR A 151 -15.91 -8.53 -13.56
N PRO A 152 -17.17 -8.36 -13.99
CA PRO A 152 -17.99 -7.31 -13.42
C PRO A 152 -18.24 -7.45 -11.92
N GLU A 153 -18.19 -8.69 -11.40
CA GLU A 153 -18.34 -8.88 -9.96
C GLU A 153 -17.22 -8.24 -9.13
N ARG A 154 -16.11 -7.90 -9.78
CA ARG A 154 -14.95 -7.27 -9.12
C ARG A 154 -14.85 -5.77 -9.42
N VAL A 155 -15.75 -5.27 -10.24
CA VAL A 155 -15.68 -3.89 -10.71
C VAL A 155 -16.90 -3.14 -10.17
N ARG A 156 -16.75 -2.25 -9.21
CA ARG A 156 -17.87 -1.49 -8.64
C ARG A 156 -18.50 -0.60 -9.71
N ALA A 157 -17.61 0.01 -10.51
CA ALA A 157 -18.01 0.94 -11.57
C ALA A 157 -16.76 1.13 -12.42
N VAL A 158 -16.96 1.57 -13.66
CA VAL A 158 -15.84 1.68 -14.61
C VAL A 158 -15.90 3.02 -15.34
N ALA A 159 -14.74 3.67 -15.48
CA ALA A 159 -14.66 4.89 -16.27
C ALA A 159 -13.46 4.78 -17.23
N SER A 160 -13.65 5.31 -18.43
CA SER A 160 -12.56 5.41 -19.39
C SER A 160 -12.40 6.86 -19.88
N LEU A 161 -11.15 7.31 -19.90
CA LEU A 161 -10.76 8.55 -20.59
C LEU A 161 -10.28 8.19 -21.99
N ASN A 162 -10.99 8.71 -23.01
CA ASN A 162 -10.60 8.66 -24.44
C ASN A 162 -10.86 7.32 -25.14
N THR A 163 -10.55 6.21 -24.47
CA THR A 163 -10.66 4.90 -25.09
C THR A 163 -12.10 4.40 -25.07
N PRO A 164 -12.70 4.14 -26.25
CA PRO A 164 -14.07 3.64 -26.29
C PRO A 164 -14.10 2.15 -25.97
N PHE A 165 -15.30 1.63 -25.73
CA PHE A 165 -15.62 0.21 -25.73
C PHE A 165 -16.10 -0.12 -27.13
N ILE A 166 -15.36 -1.01 -27.78
N ILE A 166 -15.33 -0.94 -27.83
CA ILE A 166 -15.63 -1.48 -29.14
CA ILE A 166 -15.66 -1.43 -29.16
C ILE A 166 -15.95 -2.95 -29.07
C ILE A 166 -15.95 -2.93 -29.05
N PRO A 167 -17.12 -3.40 -29.50
CA PRO A 167 -17.45 -4.82 -29.40
C PRO A 167 -16.58 -5.63 -30.36
N ALA A 168 -16.33 -6.90 -30.04
CA ALA A 168 -15.54 -7.71 -30.92
C ALA A 168 -16.34 -7.97 -32.20
N ASN A 169 -15.63 -7.98 -33.32
CA ASN A 169 -16.20 -8.23 -34.63
C ASN A 169 -15.50 -9.48 -35.18
N PRO A 170 -16.15 -10.65 -35.05
CA PRO A 170 -15.54 -11.90 -35.45
C PRO A 170 -15.41 -12.04 -36.97
N ASN A 171 -15.93 -11.08 -37.73
CA ASN A 171 -15.81 -11.11 -39.18
C ASN A 171 -14.65 -10.26 -39.70
N MET A 172 -13.95 -9.49 -38.85
CA MET A 172 -12.81 -8.74 -39.33
C MET A 172 -11.61 -9.03 -38.43
N SER A 173 -10.59 -9.64 -39.03
CA SER A 173 -9.23 -9.70 -38.51
C SER A 173 -8.82 -8.33 -37.96
N PRO A 174 -8.09 -8.25 -36.82
CA PRO A 174 -7.56 -6.98 -36.33
C PRO A 174 -6.65 -6.25 -37.32
N LEU A 175 -5.94 -7.01 -38.17
CA LEU A 175 -5.05 -6.46 -39.20
C LEU A 175 -5.87 -5.63 -40.18
N GLU A 176 -6.93 -6.23 -40.73
CA GLU A 176 -7.86 -5.53 -41.60
C GLU A 176 -8.23 -4.17 -40.99
N SER A 177 -8.79 -4.19 -39.77
CA SER A 177 -9.31 -2.99 -39.11
C SER A 177 -8.28 -1.86 -39.02
N ILE A 178 -7.01 -2.20 -38.71
CA ILE A 178 -5.94 -1.21 -38.56
C ILE A 178 -5.67 -0.51 -39.89
N LYS A 179 -5.46 -1.33 -40.93
CA LYS A 179 -5.13 -0.84 -42.28
C LYS A 179 -6.25 0.06 -42.82
N ALA A 180 -7.46 -0.07 -42.25
CA ALA A 180 -8.62 0.70 -42.69
C ALA A 180 -8.78 2.01 -41.93
N ASN A 181 -7.83 2.39 -41.06
CA ASN A 181 -7.80 3.71 -40.47
C ASN A 181 -6.37 4.24 -40.52
N PRO A 182 -6.06 5.23 -41.38
CA PRO A 182 -4.67 5.68 -41.58
C PRO A 182 -3.96 6.28 -40.35
N VAL A 183 -4.72 6.86 -39.39
CA VAL A 183 -4.08 7.47 -38.23
C VAL A 183 -3.49 6.37 -37.33
N PHE A 184 -3.85 5.10 -37.59
CA PHE A 184 -3.34 3.95 -36.84
C PHE A 184 -2.09 3.32 -37.47
N ASP A 185 -1.41 3.99 -38.43
CA ASP A 185 -0.23 3.45 -39.10
C ASP A 185 0.94 3.13 -38.14
N TYR A 186 1.15 4.00 -37.16
CA TYR A 186 2.21 3.79 -36.18
C TYR A 186 2.03 2.39 -35.55
N GLN A 187 0.81 1.84 -35.46
CA GLN A 187 0.58 0.55 -34.79
C GLN A 187 1.26 -0.59 -35.54
N LEU A 188 1.32 -0.50 -36.87
CA LEU A 188 2.09 -1.49 -37.62
C LEU A 188 3.58 -1.35 -37.34
N TYR A 189 4.09 -0.13 -37.25
CA TYR A 189 5.49 0.15 -37.01
C TYR A 189 5.91 -0.47 -35.66
N PHE A 190 4.97 -0.49 -34.70
CA PHE A 190 5.24 -1.03 -33.37
C PHE A 190 5.25 -2.55 -33.31
N GLN A 191 4.89 -3.27 -34.38
CA GLN A 191 4.73 -4.72 -34.33
C GLN A 191 6.08 -5.47 -34.24
N GLU A 192 7.08 -5.07 -35.03
CA GLU A 192 8.28 -5.91 -35.11
C GLU A 192 9.14 -5.69 -33.87
N PRO A 193 9.41 -6.73 -33.02
CA PRO A 193 10.17 -6.46 -31.80
C PRO A 193 11.55 -5.90 -32.08
N GLY A 194 11.85 -4.84 -31.37
CA GLY A 194 13.16 -4.22 -31.35
C GLY A 194 13.23 -2.91 -32.13
N VAL A 195 12.36 -2.76 -33.13
CA VAL A 195 12.48 -1.65 -34.04
C VAL A 195 12.07 -0.31 -33.37
N ALA A 196 10.81 -0.27 -32.92
CA ALA A 196 10.37 0.93 -32.23
C ALA A 196 11.09 1.13 -30.92
N GLU A 197 11.49 0.03 -30.25
CA GLU A 197 12.27 0.20 -29.04
C GLU A 197 13.54 1.04 -29.26
N ALA A 198 14.29 0.69 -30.34
CA ALA A 198 15.51 1.42 -30.58
C ALA A 198 15.23 2.90 -30.75
N GLU A 199 14.13 3.23 -31.46
CA GLU A 199 13.89 4.63 -31.75
C GLU A 199 13.47 5.36 -30.47
N LEU A 200 12.61 4.71 -29.69
CA LEU A 200 12.09 5.38 -28.48
C LEU A 200 13.11 5.48 -27.35
N GLU A 201 14.05 4.53 -27.29
CA GLU A 201 15.08 4.51 -26.24
C GLU A 201 16.34 5.34 -26.55
N GLN A 202 16.45 5.82 -27.78
CA GLN A 202 17.67 6.49 -28.26
C GLN A 202 17.95 7.71 -27.44
N ASN A 203 16.90 8.51 -27.16
CA ASN A 203 17.01 9.72 -26.37
C ASN A 203 15.69 9.93 -25.62
N LEU A 204 15.65 9.46 -24.38
CA LEU A 204 14.40 9.40 -23.65
C LEU A 204 13.80 10.79 -23.46
N SER A 205 14.61 11.81 -23.18
CA SER A 205 14.12 13.16 -23.02
C SER A 205 13.40 13.64 -24.29
N ARG A 206 14.00 13.38 -25.45
CA ARG A 206 13.39 13.72 -26.71
C ARG A 206 12.09 12.94 -26.97
N THR A 207 12.07 11.67 -26.58
CA THR A 207 10.89 10.85 -26.69
C THR A 207 9.72 11.48 -25.93
N PHE A 208 9.91 11.80 -24.66
CA PHE A 208 8.77 12.28 -23.89
C PHE A 208 8.42 13.72 -24.26
N LYS A 209 9.40 14.58 -24.53
CA LYS A 209 9.04 15.95 -24.91
C LYS A 209 8.34 15.97 -26.26
N SER A 210 8.65 15.03 -27.15
CA SER A 210 7.97 14.95 -28.44
C SER A 210 6.55 14.43 -28.33
N LEU A 211 6.33 13.44 -27.46
CA LEU A 211 5.01 12.86 -27.27
C LEU A 211 4.05 13.71 -26.43
N PHE A 212 4.49 14.22 -25.29
CA PHE A 212 3.60 14.86 -24.32
C PHE A 212 3.43 16.34 -24.65
N ARG A 213 2.55 16.58 -25.60
CA ARG A 213 2.28 17.93 -26.11
C ARG A 213 0.76 18.12 -26.25
N ALA A 214 0.31 19.35 -26.15
CA ALA A 214 -1.06 19.66 -26.50
C ALA A 214 -1.23 19.49 -28.02
N SER A 215 -2.48 19.28 -28.44
N SER A 215 -2.45 19.21 -28.50
CA SER A 215 -2.77 18.98 -29.81
CA SER A 215 -2.59 18.87 -29.90
C SER A 215 -2.19 20.00 -30.79
C SER A 215 -2.10 20.01 -30.81
N ASP A 216 -2.32 21.27 -30.41
CA ASP A 216 -1.88 22.39 -31.23
C ASP A 216 -0.36 22.47 -31.29
N GLU A 217 0.32 21.82 -30.32
CA GLU A 217 1.77 21.82 -30.27
C GLU A 217 2.40 20.58 -30.90
N SER A 218 1.63 19.71 -31.51
CA SER A 218 2.11 18.43 -32.00
C SER A 218 3.28 18.62 -32.98
N VAL A 219 4.28 17.71 -32.89
CA VAL A 219 5.44 17.70 -33.76
C VAL A 219 5.49 16.42 -34.57
N LEU A 220 4.49 15.54 -34.41
CA LEU A 220 4.47 14.16 -34.88
C LEU A 220 3.17 13.99 -35.63
N SER A 221 3.21 13.28 -36.76
CA SER A 221 2.03 12.78 -37.40
C SER A 221 2.03 11.27 -37.25
N MET A 222 0.92 10.75 -36.77
CA MET A 222 0.83 9.33 -36.53
C MET A 222 0.58 8.58 -37.83
N HIS A 223 0.48 9.29 -38.98
CA HIS A 223 0.35 8.73 -40.32
C HIS A 223 1.68 8.52 -41.03
N LYS A 224 1.76 7.51 -41.89
CA LYS A 224 2.94 7.27 -42.73
C LYS A 224 4.22 7.22 -41.89
N VAL A 225 4.11 6.68 -40.67
CA VAL A 225 5.27 6.42 -39.84
C VAL A 225 6.18 5.41 -40.53
N CYS A 226 5.58 4.41 -41.19
CA CYS A 226 6.31 3.31 -41.78
C CYS A 226 7.14 3.81 -42.97
N GLU A 227 6.53 4.65 -43.83
CA GLU A 227 7.21 5.22 -44.99
C GLU A 227 8.34 6.16 -44.54
N ALA A 228 8.12 6.90 -43.44
CA ALA A 228 9.14 7.72 -42.83
C ALA A 228 10.20 6.85 -42.16
N GLY A 229 9.78 5.70 -41.65
CA GLY A 229 10.66 4.75 -41.00
C GLY A 229 10.83 5.04 -39.52
N GLY A 230 9.83 5.67 -38.89
CA GLY A 230 9.94 6.01 -37.48
C GLY A 230 9.09 7.20 -37.07
N LEU A 231 8.78 7.27 -35.77
CA LEU A 231 7.87 8.24 -35.19
C LEU A 231 8.43 9.66 -35.24
N PHE A 232 9.76 9.79 -35.09
CA PHE A 232 10.44 11.05 -34.82
C PHE A 232 11.35 11.50 -35.97
N VAL A 233 11.37 10.76 -37.07
CA VAL A 233 12.33 11.03 -38.14
C VAL A 233 12.16 12.47 -38.63
N ASN A 234 10.91 12.98 -38.63
CA ASN A 234 10.63 14.31 -39.14
C ASN A 234 10.27 15.31 -38.03
N SER A 235 10.73 15.07 -36.79
N SER A 235 10.71 15.08 -36.79
CA SER A 235 10.47 15.94 -35.65
CA SER A 235 10.42 16.03 -35.72
C SER A 235 11.75 16.58 -35.17
C SER A 235 11.73 16.56 -35.15
N PRO A 236 11.69 17.70 -34.42
CA PRO A 236 12.89 18.36 -33.91
C PRO A 236 13.84 17.44 -33.12
N GLU A 237 15.16 17.61 -33.31
CA GLU A 237 16.14 16.90 -32.51
C GLU A 237 16.07 17.41 -31.07
N GLU A 238 15.80 18.70 -30.88
CA GLU A 238 15.71 19.33 -29.57
C GLU A 238 14.33 20.00 -29.47
N PRO A 239 13.27 19.21 -29.17
CA PRO A 239 11.95 19.79 -29.05
C PRO A 239 11.86 20.72 -27.86
N SER A 240 11.01 21.75 -28.02
CA SER A 240 10.66 22.60 -26.92
C SER A 240 9.80 21.79 -25.93
N LEU A 241 9.65 22.38 -24.73
CA LEU A 241 8.80 21.83 -23.70
C LEU A 241 7.38 22.31 -23.99
N SER A 242 6.43 21.36 -24.02
CA SER A 242 5.00 21.70 -24.02
C SER A 242 4.63 22.56 -22.83
N ARG A 243 3.63 23.42 -23.07
CA ARG A 243 2.98 24.13 -21.99
C ARG A 243 2.42 23.20 -20.92
N MET A 244 2.19 21.91 -21.23
CA MET A 244 1.50 21.00 -20.33
C MET A 244 2.43 20.47 -19.26
N VAL A 245 3.75 20.53 -19.46
CA VAL A 245 4.67 19.79 -18.59
C VAL A 245 5.90 20.63 -18.28
N THR A 246 6.53 20.34 -17.13
CA THR A 246 7.83 20.92 -16.77
C THR A 246 8.98 19.99 -17.11
N GLU A 247 10.20 20.55 -17.11
CA GLU A 247 11.39 19.74 -17.30
C GLU A 247 11.50 18.66 -16.21
N GLU A 248 11.17 19.01 -14.97
CA GLU A 248 11.28 18.09 -13.85
C GLU A 248 10.35 16.91 -14.09
N GLU A 249 9.12 17.21 -14.56
CA GLU A 249 8.17 16.14 -14.87
C GLU A 249 8.68 15.23 -15.96
N ILE A 250 9.22 15.80 -17.06
CA ILE A 250 9.75 14.98 -18.12
C ILE A 250 10.85 14.06 -17.60
N GLN A 251 11.74 14.61 -16.75
CA GLN A 251 12.83 13.81 -16.24
C GLN A 251 12.37 12.69 -15.32
N PHE A 252 11.18 12.81 -14.68
CA PHE A 252 10.61 11.69 -13.92
C PHE A 252 10.32 10.53 -14.87
N TYR A 253 9.67 10.81 -16.02
CA TYR A 253 9.42 9.79 -17.01
C TYR A 253 10.72 9.17 -17.53
N VAL A 254 11.72 10.01 -17.79
CA VAL A 254 13.00 9.51 -18.25
C VAL A 254 13.55 8.48 -17.26
N GLN A 255 13.56 8.86 -15.99
CA GLN A 255 14.18 7.98 -15.00
C GLN A 255 13.42 6.66 -14.93
N GLN A 256 12.07 6.71 -15.02
CA GLN A 256 11.26 5.51 -14.96
C GLN A 256 11.56 4.55 -16.10
N PHE A 257 11.71 5.06 -17.31
CA PHE A 257 11.89 4.25 -18.49
C PHE A 257 13.34 3.75 -18.62
N LYS A 258 14.23 4.28 -17.77
CA LYS A 258 15.57 3.69 -17.70
C LYS A 258 15.56 2.31 -17.04
N LYS A 259 14.50 1.97 -16.27
CA LYS A 259 14.46 0.71 -15.53
C LYS A 259 14.31 -0.48 -16.46
N SER A 260 13.33 -0.47 -17.38
CA SER A 260 13.01 -1.59 -18.23
C SER A 260 12.91 -1.21 -19.71
N GLY A 261 12.87 0.09 -20.02
CA GLY A 261 12.82 0.48 -21.41
C GLY A 261 11.44 0.32 -22.04
N PHE A 262 11.39 0.17 -23.37
CA PHE A 262 10.13 0.20 -24.07
C PHE A 262 9.59 -1.15 -24.53
N ARG A 263 10.32 -2.27 -24.31
CA ARG A 263 9.84 -3.55 -24.81
C ARG A 263 8.50 -3.97 -24.18
N GLY A 264 8.42 -3.94 -22.84
CA GLY A 264 7.16 -4.32 -22.21
C GLY A 264 6.00 -3.43 -22.66
N PRO A 265 6.19 -2.09 -22.59
CA PRO A 265 5.16 -1.16 -23.04
C PRO A 265 4.67 -1.45 -24.46
N LEU A 266 5.64 -1.61 -25.40
CA LEU A 266 5.25 -1.94 -26.76
C LEU A 266 4.61 -3.30 -26.95
N ASN A 267 4.95 -4.25 -26.09
CA ASN A 267 4.35 -5.56 -26.14
C ASN A 267 2.82 -5.50 -25.97
N TRP A 268 2.30 -4.40 -25.38
CA TRP A 268 0.84 -4.27 -25.28
C TRP A 268 0.19 -4.24 -26.67
N TYR A 269 0.95 -3.77 -27.67
CA TYR A 269 0.48 -3.66 -29.05
C TYR A 269 0.61 -4.94 -29.87
N ARG A 270 1.33 -5.95 -29.33
CA ARG A 270 1.75 -7.10 -30.12
C ARG A 270 0.92 -8.35 -29.84
N ASN A 271 -0.31 -8.17 -29.35
CA ASN A 271 -1.22 -9.24 -29.03
C ASN A 271 -2.57 -9.07 -29.71
N MET A 272 -2.59 -8.53 -30.94
CA MET A 272 -3.84 -8.14 -31.57
C MET A 272 -4.72 -9.35 -31.86
N GLU A 273 -4.12 -10.43 -32.32
CA GLU A 273 -4.95 -11.59 -32.69
C GLU A 273 -5.45 -12.28 -31.43
N ARG A 274 -4.56 -12.42 -30.44
CA ARG A 274 -4.93 -13.05 -29.19
C ARG A 274 -6.04 -12.26 -28.51
N ASN A 275 -5.90 -10.93 -28.49
CA ASN A 275 -6.91 -10.11 -27.82
C ASN A 275 -8.28 -10.18 -28.50
N TRP A 276 -8.27 -10.23 -29.83
CA TRP A 276 -9.49 -10.33 -30.60
C TRP A 276 -10.19 -11.66 -30.31
N LYS A 277 -9.44 -12.75 -30.33
CA LYS A 277 -10.03 -14.06 -30.03
C LYS A 277 -10.61 -14.11 -28.62
N TRP A 278 -9.93 -13.52 -27.63
CA TRP A 278 -10.45 -13.47 -26.28
C TRP A 278 -11.74 -12.64 -26.24
N ALA A 279 -11.69 -11.46 -26.86
CA ALA A 279 -12.86 -10.60 -26.85
C ALA A 279 -14.10 -11.24 -27.48
N CYS A 280 -13.91 -12.06 -28.53
CA CYS A 280 -15.01 -12.79 -29.13
C CYS A 280 -15.69 -13.71 -28.11
N LYS A 281 -15.04 -14.13 -27.04
CA LYS A 281 -15.69 -15.01 -26.08
C LYS A 281 -16.75 -14.29 -25.22
N SER A 282 -16.83 -12.97 -25.29
CA SER A 282 -17.97 -12.30 -24.72
C SER A 282 -19.08 -12.63 -25.71
N LEU A 283 -20.17 -13.24 -25.31
CA LEU A 283 -21.00 -13.77 -26.38
C LEU A 283 -22.10 -12.74 -26.60
N GLY A 284 -21.66 -11.55 -26.96
CA GLY A 284 -22.57 -10.42 -27.08
C GLY A 284 -23.17 -9.96 -25.75
N ARG A 285 -22.58 -10.35 -24.62
CA ARG A 285 -23.09 -9.89 -23.32
C ARG A 285 -22.87 -8.38 -23.22
N LYS A 286 -23.70 -7.76 -22.40
CA LYS A 286 -23.57 -6.35 -22.10
C LYS A 286 -22.71 -6.13 -20.86
N ILE A 287 -22.31 -4.87 -20.65
CA ILE A 287 -21.72 -4.43 -19.39
C ILE A 287 -22.83 -3.75 -18.61
N LEU A 288 -23.22 -4.35 -17.49
CA LEU A 288 -24.37 -3.90 -16.76
C LEU A 288 -24.05 -3.06 -15.55
N ILE A 289 -22.77 -2.78 -15.25
CA ILE A 289 -22.42 -1.97 -14.09
C ILE A 289 -22.40 -0.47 -14.44
N PRO A 290 -22.33 0.43 -13.46
CA PRO A 290 -22.26 1.87 -13.73
C PRO A 290 -20.96 2.13 -14.50
N ALA A 291 -21.08 2.97 -15.56
CA ALA A 291 -19.96 3.25 -16.45
C ALA A 291 -19.96 4.70 -16.88
N LEU A 292 -18.76 5.21 -17.13
CA LEU A 292 -18.57 6.56 -17.62
C LEU A 292 -17.57 6.54 -18.77
N MET A 293 -17.96 7.19 -19.87
CA MET A 293 -17.06 7.41 -21.00
C MET A 293 -16.76 8.90 -21.14
N VAL A 294 -15.50 9.30 -21.07
CA VAL A 294 -15.11 10.70 -21.23
C VAL A 294 -14.38 10.84 -22.54
N THR A 295 -14.87 11.73 -23.40
CA THR A 295 -14.22 11.97 -24.69
C THR A 295 -13.43 13.27 -24.64
N ALA A 296 -12.43 13.36 -25.52
CA ALA A 296 -11.48 14.49 -25.58
C ALA A 296 -11.53 15.06 -27.00
N GLU A 297 -11.99 16.33 -27.13
CA GLU A 297 -12.27 16.92 -28.42
C GLU A 297 -11.11 16.82 -29.40
N LYS A 298 -9.90 17.06 -28.88
CA LYS A 298 -8.73 17.20 -29.76
C LYS A 298 -7.83 15.97 -29.75
N ASP A 299 -8.30 14.81 -29.26
CA ASP A 299 -7.56 13.58 -29.48
C ASP A 299 -7.85 13.10 -30.89
N PHE A 300 -6.87 13.22 -31.78
CA PHE A 300 -7.09 12.92 -33.17
C PHE A 300 -6.79 11.48 -33.50
N VAL A 301 -6.46 10.67 -32.48
CA VAL A 301 -6.32 9.23 -32.63
C VAL A 301 -7.54 8.51 -32.06
N LEU A 302 -7.80 8.73 -30.76
CA LEU A 302 -8.95 8.19 -30.06
C LEU A 302 -10.03 9.25 -30.13
N VAL A 303 -10.65 9.36 -31.30
CA VAL A 303 -11.54 10.48 -31.55
C VAL A 303 -12.88 10.26 -30.82
N PRO A 304 -13.60 11.33 -30.41
CA PRO A 304 -14.89 11.15 -29.76
C PRO A 304 -15.84 10.24 -30.50
N GLN A 305 -15.92 10.37 -31.84
CA GLN A 305 -16.89 9.62 -32.63
C GLN A 305 -16.67 8.11 -32.50
N MET A 306 -15.47 7.64 -32.09
CA MET A 306 -15.27 6.21 -31.92
C MET A 306 -16.15 5.65 -30.81
N SER A 307 -16.63 6.52 -29.92
CA SER A 307 -17.47 6.12 -28.80
C SER A 307 -18.94 6.05 -29.15
N GLN A 308 -19.31 6.41 -30.38
CA GLN A 308 -20.72 6.45 -30.74
C GLN A 308 -21.37 5.07 -30.54
N HIS A 309 -22.57 5.07 -30.01
CA HIS A 309 -23.36 3.83 -29.91
C HIS A 309 -22.83 2.89 -28.81
N MET A 310 -21.94 3.35 -27.92
CA MET A 310 -21.56 2.51 -26.78
C MET A 310 -22.77 2.15 -25.91
N GLU A 311 -23.80 3.00 -25.90
CA GLU A 311 -24.98 2.74 -25.09
C GLU A 311 -25.64 1.41 -25.50
N ASP A 312 -25.40 0.93 -26.73
CA ASP A 312 -26.02 -0.33 -27.19
C ASP A 312 -25.49 -1.50 -26.39
N TRP A 313 -24.29 -1.36 -25.80
CA TRP A 313 -23.64 -2.44 -25.06
C TRP A 313 -23.62 -2.19 -23.56
N ILE A 314 -23.88 -0.95 -23.14
CA ILE A 314 -23.66 -0.49 -21.78
C ILE A 314 -24.86 0.32 -21.33
N PRO A 315 -25.91 -0.34 -20.87
CA PRO A 315 -27.16 0.37 -20.57
C PRO A 315 -27.07 1.48 -19.54
N HIS A 316 -26.13 1.48 -18.59
CA HIS A 316 -26.04 2.47 -17.54
C HIS A 316 -24.89 3.43 -17.83
N LEU A 317 -24.62 3.68 -19.12
CA LEU A 317 -23.51 4.55 -19.45
C LEU A 317 -23.85 6.02 -19.18
N LYS A 318 -22.93 6.73 -18.55
CA LYS A 318 -22.93 8.18 -18.47
C LYS A 318 -21.72 8.72 -19.20
N ARG A 319 -21.80 10.00 -19.59
CA ARG A 319 -20.76 10.58 -20.43
C ARG A 319 -20.26 11.88 -19.87
N GLY A 320 -19.00 12.16 -20.24
CA GLY A 320 -18.39 13.47 -20.13
C GLY A 320 -17.61 13.76 -21.41
N HIS A 321 -17.36 15.06 -21.60
CA HIS A 321 -16.68 15.52 -22.79
C HIS A 321 -15.84 16.71 -22.39
N ILE A 322 -14.59 16.74 -22.82
CA ILE A 322 -13.68 17.81 -22.47
C ILE A 322 -13.21 18.52 -23.74
N GLU A 323 -13.59 19.81 -23.82
CA GLU A 323 -13.21 20.63 -24.97
C GLU A 323 -11.74 21.02 -24.86
N ASP A 324 -11.11 21.30 -26.01
CA ASP A 324 -9.75 21.82 -26.02
C ASP A 324 -8.75 20.86 -25.38
N CYS A 325 -9.05 19.55 -25.45
CA CYS A 325 -8.27 18.55 -24.75
C CYS A 325 -7.78 17.52 -25.74
N GLY A 326 -6.47 17.25 -25.72
CA GLY A 326 -5.87 16.28 -26.62
C GLY A 326 -5.78 14.89 -26.02
N HIS A 327 -4.80 14.11 -26.45
CA HIS A 327 -4.71 12.72 -26.04
C HIS A 327 -4.33 12.64 -24.55
N TRP A 328 -3.51 13.56 -24.04
CA TRP A 328 -2.89 13.45 -22.72
C TRP A 328 -3.81 14.06 -21.67
N THR A 329 -5.01 13.48 -21.57
CA THR A 329 -6.13 14.12 -20.93
C THR A 329 -5.85 14.63 -19.51
N GLN A 330 -5.22 13.79 -18.69
CA GLN A 330 -5.00 14.08 -17.29
C GLN A 330 -4.12 15.29 -17.08
N MET A 331 -3.15 15.52 -17.94
N MET A 331 -3.13 15.43 -17.97
CA MET A 331 -2.30 16.70 -17.73
CA MET A 331 -2.10 16.47 -17.91
C MET A 331 -2.75 17.87 -18.58
C MET A 331 -2.46 17.70 -18.77
N ASP A 332 -3.46 17.61 -19.67
CA ASP A 332 -3.96 18.71 -20.52
C ASP A 332 -5.03 19.48 -19.75
N LYS A 333 -6.05 18.79 -19.19
CA LYS A 333 -7.21 19.38 -18.55
C LYS A 333 -7.48 18.73 -17.19
N PRO A 334 -6.50 18.78 -16.27
CA PRO A 334 -6.64 18.11 -14.98
C PRO A 334 -7.85 18.58 -14.18
N THR A 335 -8.12 19.91 -14.16
CA THR A 335 -9.24 20.41 -13.38
C THR A 335 -10.55 19.83 -13.86
N GLU A 336 -10.73 19.74 -15.19
CA GLU A 336 -11.94 19.25 -15.80
C GLU A 336 -12.08 17.75 -15.54
N VAL A 337 -10.96 17.03 -15.69
CA VAL A 337 -11.00 15.60 -15.43
C VAL A 337 -11.46 15.39 -13.99
N ASN A 338 -10.84 16.10 -13.07
CA ASN A 338 -11.16 15.91 -11.65
C ASN A 338 -12.63 16.19 -11.39
N GLN A 339 -13.16 17.25 -11.97
CA GLN A 339 -14.57 17.60 -11.75
C GLN A 339 -15.50 16.54 -12.27
N ILE A 340 -15.22 16.01 -13.46
CA ILE A 340 -16.03 14.98 -14.06
C ILE A 340 -15.99 13.70 -13.21
N LEU A 341 -14.79 13.27 -12.89
CA LEU A 341 -14.64 12.00 -12.16
C LEU A 341 -15.32 12.11 -10.79
N ILE A 342 -15.11 13.20 -10.06
CA ILE A 342 -15.65 13.30 -8.67
C ILE A 342 -17.17 13.34 -8.73
N LYS A 343 -17.73 14.06 -9.70
CA LYS A 343 -19.19 14.14 -9.81
C LYS A 343 -19.77 12.74 -10.07
N TRP A 344 -19.15 12.01 -10.99
CA TRP A 344 -19.59 10.66 -11.35
C TRP A 344 -19.36 9.69 -10.18
N LEU A 345 -18.24 9.74 -9.49
CA LEU A 345 -17.98 8.81 -8.40
C LEU A 345 -19.04 9.00 -7.32
N ASP A 346 -19.28 10.26 -7.02
CA ASP A 346 -20.19 10.59 -5.92
C ASP A 346 -21.60 10.13 -6.22
N SER A 347 -22.04 10.20 -7.48
CA SER A 347 -23.39 9.81 -7.85
C SER A 347 -23.55 8.31 -8.10
N ASP A 348 -22.51 7.62 -8.63
CA ASP A 348 -22.69 6.32 -9.25
C ASP A 348 -21.79 5.23 -8.69
N ALA A 349 -20.78 5.59 -7.92
CA ALA A 349 -19.87 4.60 -7.38
C ALA A 349 -19.92 4.49 -5.87
N ARG A 350 -20.79 5.25 -5.18
CA ARG A 350 -20.77 5.34 -3.74
C ARG A 350 -22.20 5.23 -3.18
N PRO B 30 -9.67 -25.26 15.98
CA PRO B 30 -9.09 -24.96 14.66
C PRO B 30 -8.66 -23.49 14.53
N LEU B 31 -7.37 -23.26 14.25
CA LEU B 31 -6.77 -21.94 14.33
C LEU B 31 -7.38 -21.06 13.25
N PRO B 32 -7.55 -19.74 13.50
CA PRO B 32 -7.97 -18.82 12.46
C PRO B 32 -7.00 -18.85 11.30
N THR B 33 -7.46 -18.38 10.16
CA THR B 33 -6.61 -18.22 9.00
C THR B 33 -5.41 -17.37 9.37
N SER B 34 -4.27 -17.73 8.82
CA SER B 34 -3.04 -16.99 9.03
C SER B 34 -2.65 -16.25 7.75
N CYS B 35 -1.42 -15.72 7.71
CA CYS B 35 -0.88 -14.98 6.59
C CYS B 35 0.39 -15.62 6.04
N ASN B 36 0.46 -15.66 4.72
CA ASN B 36 1.66 -16.03 3.99
C ASN B 36 2.33 -14.74 3.50
N PRO B 37 3.53 -14.39 4.02
CA PRO B 37 4.20 -13.14 3.67
C PRO B 37 4.22 -12.82 2.18
N SER B 38 4.52 -13.84 1.35
CA SER B 38 4.64 -13.68 -0.08
C SER B 38 3.34 -13.28 -0.76
N ASP B 39 2.20 -13.56 -0.13
CA ASP B 39 0.87 -13.32 -0.65
C ASP B 39 0.29 -12.01 -0.12
N MET B 40 1.09 -11.22 0.60
CA MET B 40 0.56 -9.96 1.14
C MET B 40 0.93 -8.80 0.23
N SER B 41 0.16 -7.70 0.37
CA SER B 41 0.56 -6.42 -0.19
C SER B 41 1.53 -5.81 0.79
N HIS B 42 2.68 -5.38 0.30
CA HIS B 42 3.70 -4.76 1.10
C HIS B 42 3.83 -3.28 0.74
N GLY B 43 3.68 -2.44 1.76
CA GLY B 43 3.77 -1.00 1.60
C GLY B 43 4.98 -0.41 2.29
N TYR B 44 5.38 0.75 1.79
CA TYR B 44 6.59 1.41 2.25
C TYR B 44 6.34 2.91 2.23
N VAL B 45 6.54 3.60 3.36
CA VAL B 45 6.33 5.03 3.48
C VAL B 45 7.63 5.61 4.06
N THR B 46 8.21 6.62 3.38
CA THR B 46 9.37 7.31 3.93
C THR B 46 8.86 8.44 4.80
N VAL B 47 9.06 8.35 6.10
CA VAL B 47 8.54 9.38 6.99
C VAL B 47 9.58 10.49 7.21
N LYS B 48 10.85 10.16 6.96
CA LYS B 48 11.98 11.10 7.01
C LYS B 48 13.06 10.51 6.13
N PRO B 49 14.06 11.29 5.67
CA PRO B 49 15.05 10.67 4.79
C PRO B 49 15.73 9.40 5.29
N ARG B 50 15.93 9.29 6.61
CA ARG B 50 16.60 8.14 7.17
C ARG B 50 15.65 7.03 7.61
N VAL B 51 14.34 7.23 7.46
CA VAL B 51 13.41 6.29 8.06
C VAL B 51 12.26 5.99 7.10
N ARG B 52 12.23 4.73 6.63
CA ARG B 52 11.11 4.23 5.84
C ARG B 52 10.44 3.12 6.64
N LEU B 53 9.12 3.22 6.79
CA LEU B 53 8.36 2.20 7.48
C LEU B 53 7.66 1.27 6.48
N HIS B 54 7.76 -0.03 6.80
CA HIS B 54 7.10 -1.07 6.05
C HIS B 54 5.86 -1.54 6.82
N PHE B 55 4.84 -1.94 6.04
CA PHE B 55 3.63 -2.52 6.58
C PHE B 55 3.06 -3.48 5.55
N VAL B 56 2.19 -4.36 6.02
CA VAL B 56 1.34 -5.16 5.14
C VAL B 56 -0.08 -4.64 5.27
N GLU B 57 -0.85 -4.75 4.16
CA GLU B 57 -2.15 -4.16 4.08
C GLU B 57 -3.14 -5.17 3.52
N LEU B 58 -4.25 -5.35 4.19
CA LEU B 58 -5.29 -6.26 3.73
C LEU B 58 -6.66 -5.74 4.10
N GLY B 59 -7.62 -5.80 3.17
CA GLY B 59 -8.98 -5.41 3.48
C GLY B 59 -9.36 -4.05 2.97
N SER B 60 -10.68 -3.89 2.95
CA SER B 60 -11.32 -2.62 2.70
C SER B 60 -12.08 -2.16 3.93
N GLY B 61 -12.32 -0.86 4.01
CA GLY B 61 -13.05 -0.32 5.12
C GLY B 61 -12.22 0.63 5.96
N PRO B 62 -12.72 0.95 7.15
CA PRO B 62 -12.03 1.89 8.06
C PRO B 62 -10.63 1.37 8.39
N ALA B 63 -9.65 2.27 8.43
CA ALA B 63 -8.26 1.87 8.64
C ALA B 63 -8.02 1.51 10.10
N VAL B 64 -7.32 0.36 10.31
CA VAL B 64 -6.95 -0.17 11.61
C VAL B 64 -5.46 -0.44 11.53
N CYS B 65 -4.67 0.19 12.41
N CYS B 65 -4.70 0.28 12.36
CA CYS B 65 -3.23 0.06 12.36
CA CYS B 65 -3.27 0.10 12.45
C CYS B 65 -2.77 -0.74 13.56
C CYS B 65 -2.96 -0.88 13.58
N LEU B 66 -2.11 -1.86 13.28
CA LEU B 66 -1.66 -2.82 14.29
C LEU B 66 -0.18 -2.61 14.56
N CYS B 67 0.17 -2.51 15.86
CA CYS B 67 1.50 -2.13 16.30
C CYS B 67 2.05 -3.18 17.29
N HIS B 68 3.04 -3.96 16.85
CA HIS B 68 3.60 -5.09 17.62
C HIS B 68 4.58 -4.62 18.69
N GLY B 69 4.99 -5.62 19.48
CA GLY B 69 5.88 -5.35 20.59
C GLY B 69 7.26 -5.94 20.38
N PHE B 70 7.95 -6.09 21.55
CA PHE B 70 9.34 -6.53 21.52
C PHE B 70 9.45 -8.01 21.83
N PRO B 71 10.22 -8.83 21.10
CA PRO B 71 10.88 -8.53 19.83
C PRO B 71 10.19 -9.23 18.68
N GLU B 72 9.21 -8.51 18.09
CA GLU B 72 8.22 -9.15 17.24
C GLU B 72 8.27 -8.58 15.83
N SER B 73 7.13 -8.55 15.13
CA SER B 73 7.06 -8.40 13.67
C SER B 73 5.61 -8.05 13.34
N TRP B 74 5.36 -7.50 12.15
CA TRP B 74 4.01 -7.46 11.64
C TRP B 74 3.39 -8.84 11.76
N TYR B 75 4.21 -9.89 11.54
CA TYR B 75 3.71 -11.27 11.45
C TYR B 75 3.17 -11.78 12.78
N SER B 76 3.45 -11.07 13.88
CA SER B 76 2.82 -11.40 15.14
C SER B 76 1.29 -11.27 15.08
N TRP B 77 0.78 -10.45 14.15
CA TRP B 77 -0.63 -10.25 13.94
C TRP B 77 -1.20 -11.18 12.88
N ARG B 78 -0.48 -12.22 12.46
CA ARG B 78 -0.87 -13.11 11.38
C ARG B 78 -2.27 -13.68 11.53
N TYR B 79 -2.72 -13.94 12.76
CA TYR B 79 -4.07 -14.50 12.97
C TYR B 79 -5.17 -13.44 13.02
N GLN B 80 -4.80 -12.19 13.31
CA GLN B 80 -5.72 -11.08 13.37
C GLN B 80 -5.94 -10.44 11.99
N ILE B 81 -4.93 -10.39 11.13
CA ILE B 81 -5.05 -9.62 9.89
C ILE B 81 -6.19 -10.17 9.01
N PRO B 82 -6.26 -11.48 8.71
CA PRO B 82 -7.39 -11.98 7.91
C PRO B 82 -8.73 -11.80 8.58
N ALA B 83 -8.83 -12.04 9.89
CA ALA B 83 -10.05 -11.91 10.61
C ALA B 83 -10.57 -10.50 10.53
N LEU B 84 -9.70 -9.49 10.79
CA LEU B 84 -10.19 -8.14 10.81
C LEU B 84 -10.55 -7.68 9.39
N ALA B 85 -9.82 -8.11 8.37
CA ALA B 85 -10.19 -7.77 6.99
C ALA B 85 -11.56 -8.37 6.65
N GLN B 86 -11.77 -9.61 7.07
CA GLN B 86 -13.04 -10.28 6.75
C GLN B 86 -14.19 -9.60 7.46
N ALA B 87 -13.94 -9.02 8.62
CA ALA B 87 -14.94 -8.31 9.40
C ALA B 87 -15.27 -6.94 8.81
N GLY B 88 -14.53 -6.51 7.80
CA GLY B 88 -14.82 -5.26 7.12
C GLY B 88 -13.92 -4.07 7.47
N TYR B 89 -12.64 -4.38 7.75
CA TYR B 89 -11.67 -3.34 8.07
C TYR B 89 -10.50 -3.40 7.10
N ARG B 90 -9.88 -2.24 6.92
CA ARG B 90 -8.64 -2.12 6.19
C ARG B 90 -7.49 -2.17 7.21
N VAL B 91 -6.74 -3.26 7.17
CA VAL B 91 -5.75 -3.54 8.20
C VAL B 91 -4.39 -3.13 7.70
N LEU B 92 -3.66 -2.33 8.50
CA LEU B 92 -2.27 -1.99 8.19
C LEU B 92 -1.43 -2.53 9.35
N ALA B 93 -0.64 -3.56 9.08
CA ALA B 93 0.15 -4.17 10.14
C ALA B 93 1.60 -3.74 9.95
N MET B 94 2.10 -2.97 10.92
CA MET B 94 3.41 -2.34 10.78
C MET B 94 4.55 -3.29 11.12
N ASP B 95 5.70 -3.11 10.45
CA ASP B 95 6.98 -3.38 11.11
C ASP B 95 7.35 -2.10 11.82
N MET B 96 7.46 -2.14 13.12
CA MET B 96 7.76 -0.92 13.86
C MET B 96 9.23 -0.53 13.60
N LYS B 97 9.53 0.74 13.84
CA LYS B 97 10.90 1.20 13.59
C LYS B 97 11.89 0.31 14.36
N GLY B 98 12.94 -0.12 13.65
CA GLY B 98 13.93 -1.00 14.22
C GLY B 98 13.79 -2.45 13.79
N TYR B 99 12.65 -2.77 13.15
CA TYR B 99 12.24 -4.14 12.89
C TYR B 99 12.04 -4.43 11.41
N GLY B 100 12.36 -5.67 11.05
CA GLY B 100 11.96 -6.24 9.77
C GLY B 100 12.45 -5.42 8.57
N GLU B 101 11.49 -5.01 7.72
CA GLU B 101 11.85 -4.22 6.56
C GLU B 101 11.76 -2.73 6.82
N SER B 102 11.46 -2.31 8.06
CA SER B 102 11.51 -0.91 8.45
C SER B 102 12.96 -0.50 8.73
N SER B 103 13.21 0.79 8.61
CA SER B 103 14.56 1.31 8.88
C SER B 103 14.92 1.05 10.33
N ALA B 104 16.23 0.90 10.57
CA ALA B 104 16.76 0.68 11.92
C ALA B 104 18.03 1.51 12.10
N PRO B 105 17.92 2.86 12.20
CA PRO B 105 19.09 3.69 12.48
C PRO B 105 19.64 3.28 13.83
N PRO B 106 20.98 3.38 14.00
CA PRO B 106 21.60 2.88 15.23
C PRO B 106 21.45 3.76 16.46
N GLU B 107 21.12 5.07 16.29
CA GLU B 107 21.10 6.03 17.36
C GLU B 107 19.97 5.75 18.34
N ILE B 108 20.28 5.75 19.64
CA ILE B 108 19.31 5.44 20.67
C ILE B 108 18.11 6.38 20.61
N GLU B 109 18.36 7.68 20.44
CA GLU B 109 17.31 8.66 20.60
C GLU B 109 16.29 8.59 19.43
N GLU B 110 16.63 7.91 18.35
CA GLU B 110 15.67 7.66 17.26
C GLU B 110 14.51 6.79 17.73
N TYR B 111 14.57 6.24 18.94
CA TYR B 111 13.51 5.35 19.43
C TYR B 111 12.84 5.80 20.72
N CYS B 112 12.94 7.10 21.02
CA CYS B 112 12.12 7.64 22.07
C CYS B 112 10.70 7.74 21.56
N MET B 113 9.76 7.68 22.49
CA MET B 113 8.35 7.68 22.15
C MET B 113 7.95 8.95 21.40
N GLU B 114 8.54 10.11 21.74
CA GLU B 114 8.15 11.33 21.07
C GLU B 114 8.43 11.22 19.59
N VAL B 115 9.61 10.74 19.22
CA VAL B 115 10.00 10.55 17.84
C VAL B 115 9.13 9.45 17.20
N LEU B 116 8.94 8.33 17.91
CA LEU B 116 8.17 7.23 17.29
C LEU B 116 6.73 7.67 17.01
N CYS B 117 6.10 8.43 17.92
CA CYS B 117 4.74 8.90 17.70
C CYS B 117 4.66 9.91 16.56
N LYS B 118 5.63 10.84 16.46
CA LYS B 118 5.62 11.81 15.39
C LYS B 118 5.71 11.10 14.02
N GLU B 119 6.57 10.10 13.95
CA GLU B 119 6.70 9.31 12.74
C GLU B 119 5.39 8.61 12.36
N MET B 120 4.68 8.08 13.34
CA MET B 120 3.39 7.45 13.04
C MET B 120 2.36 8.48 12.54
N VAL B 121 2.42 9.72 13.03
CA VAL B 121 1.56 10.77 12.48
C VAL B 121 1.93 11.07 11.03
N THR B 122 3.23 11.17 10.75
CA THR B 122 3.70 11.42 9.41
C THR B 122 3.26 10.28 8.47
N PHE B 123 3.32 9.06 8.98
CA PHE B 123 2.88 7.89 8.26
C PHE B 123 1.42 8.04 7.79
N LEU B 124 0.52 8.38 8.73
CA LEU B 124 -0.86 8.67 8.39
C LEU B 124 -0.95 9.76 7.33
N ASP B 125 -0.19 10.85 7.53
CA ASP B 125 -0.22 11.97 6.59
C ASP B 125 0.14 11.52 5.17
N LYS B 126 1.19 10.72 5.03
CA LYS B 126 1.65 10.33 3.71
C LYS B 126 0.66 9.38 3.06
N LEU B 127 -0.02 8.55 3.85
CA LEU B 127 -1.06 7.69 3.32
C LEU B 127 -2.39 8.37 3.10
N GLY B 128 -2.50 9.63 3.51
CA GLY B 128 -3.72 10.37 3.31
C GLY B 128 -4.85 9.95 4.23
N LEU B 129 -4.50 9.51 5.46
CA LEU B 129 -5.47 9.04 6.43
C LEU B 129 -5.67 10.11 7.51
N SER B 130 -6.90 10.62 7.63
CA SER B 130 -7.13 11.60 8.68
C SER B 130 -7.06 10.99 10.08
N GLN B 131 -7.54 9.76 10.22
CA GLN B 131 -7.47 9.03 11.47
C GLN B 131 -7.27 7.57 11.16
N ALA B 132 -6.83 6.81 12.17
CA ALA B 132 -6.94 5.36 12.12
C ALA B 132 -7.33 4.88 13.50
N VAL B 133 -7.85 3.65 13.60
CA VAL B 133 -7.91 2.93 14.87
C VAL B 133 -6.53 2.36 15.13
N PHE B 134 -6.00 2.55 16.33
CA PHE B 134 -4.70 2.00 16.68
C PHE B 134 -4.81 0.89 17.71
N ILE B 135 -4.26 -0.27 17.37
CA ILE B 135 -4.27 -1.42 18.25
C ILE B 135 -2.83 -1.84 18.43
N GLY B 136 -2.39 -1.90 19.70
CA GLY B 136 -1.03 -2.23 20.02
C GLY B 136 -0.90 -3.34 21.05
N HIS B 137 0.25 -4.03 21.04
CA HIS B 137 0.57 -5.02 22.06
C HIS B 137 1.95 -4.67 22.60
N ASP B 138 2.16 -4.76 23.92
CA ASP B 138 3.51 -4.66 24.49
C ASP B 138 4.04 -3.25 24.22
N TRP B 139 5.26 -3.09 23.70
CA TRP B 139 5.74 -1.75 23.40
C TRP B 139 4.84 -1.01 22.40
N GLY B 140 4.20 -1.75 21.51
CA GLY B 140 3.22 -1.17 20.59
C GLY B 140 2.02 -0.62 21.31
N GLY B 141 1.63 -1.29 22.41
CA GLY B 141 0.58 -0.81 23.29
C GLY B 141 0.96 0.52 23.95
N MET B 142 2.18 0.62 24.44
CA MET B 142 2.64 1.89 25.00
C MET B 142 2.58 2.99 23.95
N LEU B 143 3.00 2.68 22.71
CA LEU B 143 2.98 3.66 21.64
C LEU B 143 1.54 4.11 21.36
N VAL B 144 0.58 3.19 21.30
CA VAL B 144 -0.75 3.63 20.91
C VAL B 144 -1.41 4.45 22.04
N TRP B 145 -1.08 4.17 23.29
CA TRP B 145 -1.59 5.03 24.38
C TRP B 145 -1.10 6.48 24.21
N TYR B 146 0.19 6.62 23.88
CA TYR B 146 0.79 7.93 23.70
C TYR B 146 0.17 8.61 22.48
N MET B 147 -0.08 7.84 21.40
CA MET B 147 -0.75 8.44 20.25
C MET B 147 -2.12 9.01 20.64
N ALA B 148 -2.85 8.26 21.46
CA ALA B 148 -4.19 8.68 21.88
C ALA B 148 -4.10 9.92 22.77
N LEU B 149 -3.05 9.99 23.59
CA LEU B 149 -2.89 11.07 24.55
C LEU B 149 -2.47 12.36 23.84
N PHE B 150 -1.49 12.25 22.93
CA PHE B 150 -0.83 13.40 22.34
C PHE B 150 -1.37 13.75 20.96
N TYR B 151 -2.02 12.79 20.25
CA TYR B 151 -2.57 13.03 18.93
C TYR B 151 -3.98 12.49 18.80
N PRO B 152 -4.89 12.83 19.74
CA PRO B 152 -6.23 12.28 19.69
C PRO B 152 -6.92 12.56 18.36
N GLU B 153 -6.59 13.71 17.73
CA GLU B 153 -7.27 14.12 16.48
C GLU B 153 -6.99 13.10 15.35
N ARG B 154 -5.96 12.26 15.55
CA ARG B 154 -5.54 11.30 14.51
C ARG B 154 -5.97 9.88 14.86
N VAL B 155 -6.53 9.67 16.06
CA VAL B 155 -6.76 8.36 16.61
C VAL B 155 -8.27 8.22 16.76
N ARG B 156 -8.89 7.40 15.92
CA ARG B 156 -10.34 7.21 15.98
C ARG B 156 -10.72 6.50 17.28
N ALA B 157 -9.94 5.46 17.60
CA ALA B 157 -10.13 4.67 18.80
C ALA B 157 -8.82 3.93 19.09
N VAL B 158 -8.65 3.47 20.33
CA VAL B 158 -7.40 2.88 20.75
C VAL B 158 -7.63 1.61 21.54
N ALA B 159 -6.86 0.56 21.22
CA ALA B 159 -6.85 -0.66 22.00
C ALA B 159 -5.44 -1.12 22.29
N SER B 160 -5.24 -1.66 23.50
CA SER B 160 -3.99 -2.25 23.90
C SER B 160 -4.20 -3.66 24.42
N LEU B 161 -3.33 -4.57 23.99
CA LEU B 161 -3.19 -5.89 24.56
C LEU B 161 -2.03 -5.85 25.57
N ASN B 162 -2.37 -6.14 26.84
CA ASN B 162 -1.44 -6.42 27.95
C ASN B 162 -0.92 -5.11 28.57
N THR B 163 -0.53 -4.13 27.75
CA THR B 163 0.13 -2.93 28.23
C THR B 163 -0.87 -1.95 28.79
N PRO B 164 -0.78 -1.58 30.09
CA PRO B 164 -1.67 -0.56 30.64
C PRO B 164 -1.27 0.85 30.26
N PHE B 165 -2.20 1.79 30.47
CA PHE B 165 -1.89 3.21 30.47
C PHE B 165 -1.59 3.62 31.92
N ILE B 166 -0.34 3.99 32.17
CA ILE B 166 0.08 4.42 33.49
C ILE B 166 0.57 5.86 33.37
N PRO B 167 -0.12 6.86 33.96
CA PRO B 167 0.34 8.25 33.85
C PRO B 167 1.75 8.43 34.41
N ALA B 168 2.50 9.40 33.92
CA ALA B 168 3.87 9.62 34.37
C ALA B 168 3.82 10.10 35.81
N ASN B 169 4.71 9.56 36.65
CA ASN B 169 4.80 10.03 38.03
C ASN B 169 5.93 11.04 38.08
N PRO B 170 5.61 12.34 38.21
CA PRO B 170 6.61 13.40 38.10
C PRO B 170 7.64 13.44 39.23
N ASN B 171 7.41 12.63 40.27
CA ASN B 171 8.37 12.48 41.35
C ASN B 171 9.30 11.32 41.01
N MET B 172 8.70 10.14 40.79
CA MET B 172 9.43 8.90 40.68
C MET B 172 10.04 8.80 39.28
N SER B 173 11.38 8.85 39.20
CA SER B 173 12.11 8.60 37.97
C SER B 173 12.00 7.12 37.61
N PRO B 174 12.01 6.77 36.29
CA PRO B 174 11.81 5.38 35.88
C PRO B 174 12.98 4.49 36.26
N LEU B 175 14.17 5.10 36.44
CA LEU B 175 15.31 4.41 37.02
C LEU B 175 14.96 3.94 38.43
N GLU B 176 14.23 4.77 39.17
CA GLU B 176 13.78 4.41 40.51
C GLU B 176 12.65 3.37 40.40
N SER B 177 11.60 3.70 39.63
CA SER B 177 10.41 2.86 39.56
C SER B 177 10.78 1.41 39.24
N ILE B 178 11.62 1.21 38.21
CA ILE B 178 12.23 -0.10 37.96
C ILE B 178 13.24 -0.33 39.08
N LYS B 179 12.92 -1.25 40.00
CA LYS B 179 13.81 -1.61 41.10
C LYS B 179 13.13 -2.64 42.00
N VAL B 183 10.60 -7.96 38.94
CA VAL B 183 10.39 -8.66 37.63
C VAL B 183 10.94 -7.80 36.50
N PHE B 184 11.14 -6.50 36.74
CA PHE B 184 11.60 -5.56 35.72
C PHE B 184 13.13 -5.52 35.63
N ASP B 185 13.85 -6.31 36.45
CA ASP B 185 15.31 -6.32 36.46
C ASP B 185 15.94 -6.46 35.07
N TYR B 186 15.35 -7.30 34.21
CA TYR B 186 15.87 -7.50 32.87
C TYR B 186 15.95 -6.16 32.10
N GLN B 187 15.13 -5.18 32.49
CA GLN B 187 15.14 -3.91 31.78
C GLN B 187 16.47 -3.20 32.03
N LEU B 188 17.12 -3.48 33.17
CA LEU B 188 18.45 -2.92 33.42
C LEU B 188 19.50 -3.60 32.56
N TYR B 189 19.41 -4.93 32.42
CA TYR B 189 20.31 -5.66 31.55
C TYR B 189 20.27 -5.18 30.09
N PHE B 190 19.08 -4.70 29.64
CA PHE B 190 18.95 -4.21 28.29
C PHE B 190 19.53 -2.81 28.09
N GLN B 191 20.01 -2.14 29.16
CA GLN B 191 20.40 -0.74 29.05
C GLN B 191 21.72 -0.54 28.32
N GLU B 192 22.75 -1.34 28.63
CA GLU B 192 24.06 -1.10 28.04
C GLU B 192 24.12 -1.58 26.59
N PRO B 193 24.35 -0.69 25.60
CA PRO B 193 24.44 -1.10 24.20
C PRO B 193 25.47 -2.19 23.97
N GLY B 194 25.02 -3.33 23.42
CA GLY B 194 25.88 -4.45 23.06
C GLY B 194 25.76 -5.66 23.98
N VAL B 195 25.40 -5.47 25.25
CA VAL B 195 25.31 -6.59 26.15
C VAL B 195 24.19 -7.53 25.71
N ALA B 196 22.93 -7.07 25.84
CA ALA B 196 21.78 -7.88 25.48
C ALA B 196 21.80 -8.32 24.02
N GLU B 197 22.27 -7.45 23.11
CA GLU B 197 22.34 -7.76 21.68
C GLU B 197 23.10 -9.06 21.41
N ALA B 198 24.25 -9.20 22.05
CA ALA B 198 25.11 -10.34 21.78
C ALA B 198 24.42 -11.61 22.23
N GLU B 199 23.74 -11.59 23.38
CA GLU B 199 23.02 -12.76 23.85
C GLU B 199 21.89 -13.10 22.86
N LEU B 200 21.10 -12.10 22.47
CA LEU B 200 19.91 -12.36 21.66
C LEU B 200 20.24 -12.72 20.22
N GLU B 201 21.38 -12.26 19.67
CA GLU B 201 21.76 -12.49 18.30
C GLU B 201 22.63 -13.74 18.13
N GLN B 202 23.02 -14.35 19.26
CA GLN B 202 23.98 -15.45 19.25
C GLN B 202 23.36 -16.62 18.51
N ASN B 203 22.09 -16.96 18.82
CA ASN B 203 21.43 -18.05 18.16
C ASN B 203 19.96 -17.64 18.02
N LEU B 204 19.57 -17.19 16.83
CA LEU B 204 18.26 -16.56 16.70
C LEU B 204 17.15 -17.60 16.90
N SER B 205 17.35 -18.85 16.46
CA SER B 205 16.36 -19.89 16.68
C SER B 205 16.15 -20.10 18.17
N ARG B 206 17.27 -20.22 18.91
CA ARG B 206 17.18 -20.40 20.34
C ARG B 206 16.47 -19.22 21.01
N THR B 207 16.77 -18.01 20.56
CA THR B 207 16.15 -16.83 21.11
C THR B 207 14.63 -16.92 20.97
N PHE B 208 14.13 -17.16 19.74
CA PHE B 208 12.70 -17.10 19.51
C PHE B 208 11.99 -18.33 20.11
N LYS B 209 12.62 -19.50 20.07
CA LYS B 209 12.01 -20.66 20.72
C LYS B 209 11.95 -20.55 22.24
N SER B 210 12.95 -19.88 22.87
CA SER B 210 12.98 -19.61 24.31
C SER B 210 11.95 -18.58 24.72
N LEU B 211 11.71 -17.54 23.85
CA LEU B 211 10.80 -16.48 24.21
C LEU B 211 9.34 -16.88 23.99
N PHE B 212 9.07 -17.42 22.79
CA PHE B 212 7.69 -17.56 22.33
C PHE B 212 7.11 -18.87 22.85
N ARG B 213 6.63 -18.83 24.08
CA ARG B 213 6.12 -20.02 24.79
C ARG B 213 4.90 -19.65 25.60
N ALA B 214 3.99 -20.63 25.80
CA ALA B 214 2.91 -20.46 26.74
C ALA B 214 3.46 -20.36 28.16
N SER B 215 2.72 -19.71 29.06
CA SER B 215 3.26 -19.40 30.38
C SER B 215 3.66 -20.66 31.15
N ASP B 216 2.92 -21.75 30.93
CA ASP B 216 3.20 -23.02 31.58
C ASP B 216 4.38 -23.75 30.93
N GLU B 217 4.86 -23.30 29.76
CA GLU B 217 6.02 -23.86 29.08
C GLU B 217 7.29 -23.02 29.23
N SER B 218 7.21 -21.91 29.97
CA SER B 218 8.26 -20.92 29.95
C SER B 218 9.51 -21.46 30.64
N VAL B 219 10.66 -20.99 30.13
CA VAL B 219 11.96 -21.59 30.36
C VAL B 219 12.88 -20.45 30.81
N LEU B 220 12.25 -19.43 31.41
CA LEU B 220 12.80 -18.09 31.46
C LEU B 220 12.25 -17.37 32.68
N SER B 221 13.15 -16.83 33.50
CA SER B 221 12.83 -16.05 34.67
C SER B 221 13.47 -14.67 34.50
N MET B 222 12.68 -13.62 34.71
CA MET B 222 13.07 -12.26 34.37
C MET B 222 13.68 -11.55 35.57
N HIS B 223 13.88 -12.31 36.67
CA HIS B 223 14.56 -11.83 37.87
C HIS B 223 16.05 -12.08 37.72
N LYS B 224 16.86 -11.33 38.50
CA LYS B 224 18.29 -11.58 38.65
C LYS B 224 18.89 -11.99 37.31
N VAL B 225 18.45 -11.29 36.25
CA VAL B 225 18.95 -11.58 34.91
C VAL B 225 20.38 -11.07 34.85
N CYS B 226 20.61 -9.92 35.49
CA CYS B 226 21.94 -9.32 35.57
C CYS B 226 22.85 -10.23 36.38
N GLU B 227 22.34 -10.69 37.54
CA GLU B 227 23.05 -11.62 38.41
C GLU B 227 23.51 -12.80 37.57
N ALA B 228 22.56 -13.45 36.89
CA ALA B 228 22.83 -14.63 36.07
C ALA B 228 23.63 -14.25 34.82
N GLY B 229 23.54 -12.98 34.40
CA GLY B 229 24.26 -12.50 33.23
C GLY B 229 23.66 -13.03 31.92
N GLY B 230 22.33 -12.98 31.80
CA GLY B 230 21.63 -13.28 30.55
C GLY B 230 20.20 -13.77 30.76
N LEU B 231 19.36 -13.62 29.72
CA LEU B 231 17.99 -14.06 29.77
C LEU B 231 17.87 -15.57 29.71
N PHE B 232 18.76 -16.21 28.92
CA PHE B 232 18.59 -17.60 28.51
C PHE B 232 19.62 -18.52 29.16
N VAL B 233 20.58 -17.94 29.90
CA VAL B 233 21.71 -18.66 30.49
C VAL B 233 21.23 -19.91 31.22
N ASN B 234 19.98 -19.92 31.69
CA ASN B 234 19.44 -21.08 32.37
C ASN B 234 18.31 -21.74 31.57
N SER B 235 18.45 -21.77 30.24
N SER B 235 18.42 -21.73 30.23
CA SER B 235 17.47 -22.36 29.34
CA SER B 235 17.45 -22.38 29.35
C SER B 235 18.15 -23.39 28.45
C SER B 235 18.16 -23.42 28.49
N PRO B 236 17.46 -24.46 27.96
CA PRO B 236 18.13 -25.48 27.15
C PRO B 236 18.87 -24.90 25.97
N GLU B 237 19.95 -25.56 25.53
CA GLU B 237 20.65 -25.16 24.32
C GLU B 237 19.79 -25.34 23.07
N GLU B 238 18.94 -26.38 23.07
CA GLU B 238 18.05 -26.71 21.95
C GLU B 238 16.64 -26.81 22.48
N PRO B 239 15.97 -25.68 22.79
CA PRO B 239 14.62 -25.69 23.35
C PRO B 239 13.65 -26.43 22.43
N SER B 240 12.66 -27.06 23.03
CA SER B 240 11.55 -27.66 22.33
C SER B 240 10.68 -26.55 21.74
N LEU B 241 9.90 -26.91 20.71
CA LEU B 241 8.93 -26.01 20.11
C LEU B 241 7.73 -25.87 21.04
N SER B 242 7.37 -24.65 21.43
CA SER B 242 6.10 -24.36 22.06
C SER B 242 4.97 -24.93 21.19
N ARG B 243 3.91 -25.37 21.89
CA ARG B 243 2.64 -25.68 21.27
C ARG B 243 2.03 -24.48 20.54
N MET B 244 2.49 -23.25 20.78
CA MET B 244 1.87 -22.05 20.17
C MET B 244 2.38 -21.80 18.76
N VAL B 245 3.55 -22.35 18.41
CA VAL B 245 4.25 -21.97 17.21
C VAL B 245 4.80 -23.18 16.49
N THR B 246 4.94 -23.04 15.18
CA THR B 246 5.61 -24.01 14.33
C THR B 246 7.04 -23.63 14.01
N GLU B 247 7.80 -24.63 13.53
CA GLU B 247 9.16 -24.40 13.09
C GLU B 247 9.24 -23.32 12.01
N GLU B 248 8.32 -23.40 11.04
CA GLU B 248 8.34 -22.46 9.92
C GLU B 248 8.07 -21.02 10.44
N GLU B 249 7.17 -20.87 11.43
CA GLU B 249 6.88 -19.58 12.01
C GLU B 249 8.10 -19.03 12.73
N ILE B 250 8.79 -19.89 13.51
CA ILE B 250 10.02 -19.45 14.13
C ILE B 250 11.01 -18.94 13.10
N GLN B 251 11.20 -19.70 12.02
CA GLN B 251 12.19 -19.39 11.01
C GLN B 251 11.88 -18.07 10.26
N PHE B 252 10.61 -17.67 10.21
CA PHE B 252 10.27 -16.34 9.69
C PHE B 252 10.89 -15.26 10.58
N TYR B 253 10.72 -15.36 11.91
CA TYR B 253 11.28 -14.40 12.82
C TYR B 253 12.79 -14.39 12.68
N VAL B 254 13.38 -15.58 12.62
CA VAL B 254 14.82 -15.66 12.45
C VAL B 254 15.28 -14.84 11.24
N GLN B 255 14.63 -15.05 10.09
CA GLN B 255 15.00 -14.38 8.86
C GLN B 255 14.81 -12.87 8.99
N GLN B 256 13.74 -12.43 9.67
CA GLN B 256 13.52 -10.99 9.80
C GLN B 256 14.65 -10.32 10.59
N PHE B 257 15.09 -10.98 11.68
CA PHE B 257 16.00 -10.36 12.62
C PHE B 257 17.44 -10.45 12.12
N LYS B 258 17.65 -11.17 11.03
CA LYS B 258 18.94 -11.12 10.36
C LYS B 258 19.18 -9.79 9.66
N LYS B 259 18.13 -9.03 9.31
CA LYS B 259 18.30 -7.80 8.56
C LYS B 259 19.02 -6.74 9.39
N SER B 260 18.54 -6.47 10.62
CA SER B 260 19.04 -5.39 11.46
C SER B 260 19.46 -5.86 12.85
N GLY B 261 19.10 -7.08 13.26
CA GLY B 261 19.40 -7.59 14.59
C GLY B 261 18.63 -6.84 15.68
N PHE B 262 19.18 -6.76 16.88
CA PHE B 262 18.46 -6.40 18.07
C PHE B 262 18.74 -4.99 18.57
N ARG B 263 19.65 -4.24 17.91
CA ARG B 263 20.02 -2.94 18.46
C ARG B 263 18.83 -1.97 18.44
N GLY B 264 18.17 -1.84 17.29
CA GLY B 264 17.03 -0.94 17.19
C GLY B 264 15.92 -1.37 18.15
N PRO B 265 15.49 -2.66 18.10
CA PRO B 265 14.53 -3.15 19.08
C PRO B 265 14.89 -2.83 20.53
N LEU B 266 16.15 -3.14 20.92
CA LEU B 266 16.54 -2.86 22.30
C LEU B 266 16.59 -1.36 22.60
N ASN B 267 16.84 -0.51 21.59
CA ASN B 267 16.84 0.93 21.80
C ASN B 267 15.50 1.45 22.31
N TRP B 268 14.40 0.70 22.10
CA TRP B 268 13.13 1.15 22.64
C TRP B 268 13.19 1.29 24.17
N TYR B 269 14.06 0.49 24.80
CA TYR B 269 14.25 0.42 26.25
C TYR B 269 15.24 1.47 26.76
N ARG B 270 15.88 2.19 25.87
CA ARG B 270 17.04 2.99 26.27
C ARG B 270 16.74 4.49 26.28
N ASN B 271 15.45 4.86 26.42
CA ASN B 271 15.01 6.24 26.35
C ASN B 271 14.14 6.59 27.56
N MET B 272 14.37 5.92 28.71
N MET B 272 14.38 5.93 28.70
CA MET B 272 13.45 6.00 29.83
CA MET B 272 13.48 6.01 29.84
C MET B 272 13.38 7.44 30.35
C MET B 272 13.38 7.45 30.35
N GLU B 273 14.53 8.11 30.45
CA GLU B 273 14.59 9.49 30.91
C GLU B 273 13.80 10.38 29.95
N ARG B 274 14.14 10.27 28.67
CA ARG B 274 13.51 11.07 27.62
C ARG B 274 12.00 10.85 27.60
N ASN B 275 11.53 9.59 27.72
CA ASN B 275 10.12 9.28 27.66
C ASN B 275 9.37 9.85 28.85
N TRP B 276 9.95 9.70 30.06
CA TRP B 276 9.31 10.19 31.27
C TRP B 276 9.09 11.71 31.24
N LYS B 277 10.07 12.46 30.76
CA LYS B 277 9.96 13.92 30.67
C LYS B 277 8.90 14.35 29.66
N TRP B 278 8.86 13.67 28.51
CA TRP B 278 7.82 13.89 27.53
C TRP B 278 6.46 13.58 28.14
N ALA B 279 6.32 12.41 28.77
CA ALA B 279 5.04 12.00 29.33
C ALA B 279 4.55 12.99 30.40
N CYS B 280 5.46 13.59 31.17
CA CYS B 280 5.05 14.51 32.23
C CYS B 280 4.32 15.71 31.63
N LYS B 281 4.63 16.07 30.38
CA LYS B 281 4.03 17.20 29.69
C LYS B 281 2.55 16.98 29.37
N SER B 282 2.04 15.76 29.54
CA SER B 282 0.64 15.45 29.29
C SER B 282 -0.16 15.46 30.59
N LEU B 283 0.52 15.49 31.74
CA LEU B 283 -0.12 15.16 33.02
C LEU B 283 -1.40 15.96 33.21
N GLY B 284 -2.43 15.25 33.65
CA GLY B 284 -3.72 15.87 33.88
C GLY B 284 -4.66 15.76 32.69
N ARG B 285 -4.14 15.69 31.46
CA ARG B 285 -5.07 15.54 30.34
C ARG B 285 -5.43 14.06 30.26
N LYS B 286 -6.67 13.79 29.88
CA LYS B 286 -7.21 12.44 29.84
C LYS B 286 -7.33 12.01 28.39
N ILE B 287 -7.51 10.70 28.21
CA ILE B 287 -7.85 10.12 26.93
C ILE B 287 -9.36 10.03 26.83
N LEU B 288 -9.97 10.79 25.91
CA LEU B 288 -11.42 10.89 25.85
C LEU B 288 -11.99 10.08 24.68
N ILE B 289 -11.13 9.47 23.86
CA ILE B 289 -11.61 8.70 22.74
C ILE B 289 -11.96 7.29 23.19
N PRO B 290 -12.72 6.51 22.39
CA PRO B 290 -13.07 5.13 22.69
C PRO B 290 -11.81 4.30 22.86
N ALA B 291 -11.76 3.53 23.95
CA ALA B 291 -10.56 2.81 24.35
C ALA B 291 -10.89 1.42 24.86
N LEU B 292 -9.98 0.47 24.62
CA LEU B 292 -10.12 -0.92 25.02
C LEU B 292 -8.80 -1.37 25.64
N MET B 293 -8.89 -1.96 26.84
CA MET B 293 -7.74 -2.56 27.52
C MET B 293 -8.00 -4.06 27.66
N VAL B 294 -7.13 -4.91 27.12
CA VAL B 294 -7.28 -6.35 27.19
C VAL B 294 -6.15 -6.91 28.05
N THR B 295 -6.53 -7.59 29.14
CA THR B 295 -5.54 -8.19 30.01
C THR B 295 -5.45 -9.67 29.73
N ALA B 296 -4.31 -10.24 30.12
CA ALA B 296 -3.96 -11.64 29.91
C ALA B 296 -3.61 -12.26 31.27
N GLU B 297 -4.37 -13.28 31.65
CA GLU B 297 -4.35 -13.79 33.02
C GLU B 297 -2.95 -14.25 33.41
N LYS B 298 -2.24 -14.90 32.47
CA LYS B 298 -0.95 -15.52 32.74
C LYS B 298 0.23 -14.72 32.19
N ASP B 299 0.08 -13.42 31.89
CA ASP B 299 1.25 -12.60 31.60
C ASP B 299 1.87 -12.23 32.94
N PHE B 300 3.00 -12.82 33.25
CA PHE B 300 3.55 -12.60 34.59
C PHE B 300 4.42 -11.35 34.66
N VAL B 301 4.57 -10.61 33.56
CA VAL B 301 5.33 -9.38 33.54
C VAL B 301 4.35 -8.21 33.45
N LEU B 302 3.54 -8.16 32.37
CA LEU B 302 2.51 -7.13 32.27
C LEU B 302 1.23 -7.73 32.85
N VAL B 303 1.19 -7.74 34.18
CA VAL B 303 0.11 -8.44 34.87
C VAL B 303 -1.15 -7.59 34.82
N PRO B 304 -2.32 -8.26 34.83
CA PRO B 304 -3.61 -7.58 34.82
C PRO B 304 -3.74 -6.46 35.85
N GLN B 305 -3.24 -6.65 37.07
CA GLN B 305 -3.49 -5.66 38.11
C GLN B 305 -2.77 -4.36 37.82
N MET B 306 -1.78 -4.39 36.92
CA MET B 306 -1.17 -3.12 36.53
C MET B 306 -2.16 -2.18 35.86
N SER B 307 -3.27 -2.67 35.33
CA SER B 307 -4.24 -1.84 34.63
C SER B 307 -5.31 -1.29 35.57
N GLN B 308 -5.17 -1.52 36.88
CA GLN B 308 -6.34 -1.43 37.74
C GLN B 308 -7.01 -0.05 37.73
N HIS B 309 -6.30 1.07 37.76
CA HIS B 309 -7.10 2.30 37.93
C HIS B 309 -7.27 3.10 36.63
N MET B 310 -7.23 2.44 35.48
CA MET B 310 -7.13 3.17 34.21
C MET B 310 -8.36 4.04 33.92
N GLU B 311 -9.54 3.64 34.40
CA GLU B 311 -10.77 4.43 34.30
C GLU B 311 -10.60 5.84 34.87
N ASP B 312 -9.68 6.02 35.84
CA ASP B 312 -9.37 7.35 36.38
C ASP B 312 -9.04 8.33 35.25
N TRP B 313 -8.41 7.82 34.17
CA TRP B 313 -7.75 8.66 33.17
C TRP B 313 -8.36 8.52 31.77
N ILE B 314 -9.28 7.56 31.64
CA ILE B 314 -9.87 7.15 30.38
C ILE B 314 -11.35 6.89 30.61
N PRO B 315 -12.24 7.91 30.44
CA PRO B 315 -13.68 7.75 30.69
C PRO B 315 -14.47 6.68 29.95
N HIS B 316 -14.19 6.46 28.67
CA HIS B 316 -15.00 5.50 27.90
C HIS B 316 -14.30 4.16 27.78
N LEU B 317 -13.49 3.81 28.79
CA LEU B 317 -12.65 2.63 28.69
C LEU B 317 -13.53 1.39 28.76
N LYS B 318 -13.38 0.51 27.76
CA LYS B 318 -13.92 -0.83 27.83
C LYS B 318 -12.78 -1.80 28.13
N ARG B 319 -13.14 -3.02 28.51
CA ARG B 319 -12.15 -4.02 28.90
C ARG B 319 -12.48 -5.39 28.32
N GLY B 320 -11.42 -6.17 28.14
CA GLY B 320 -11.47 -7.59 27.89
C GLY B 320 -10.41 -8.29 28.74
N HIS B 321 -10.60 -9.57 28.94
CA HIS B 321 -9.68 -10.37 29.72
C HIS B 321 -9.66 -11.74 29.10
N ILE B 322 -8.47 -12.31 28.93
CA ILE B 322 -8.31 -13.62 28.34
C ILE B 322 -7.68 -14.55 29.39
N GLU B 323 -8.43 -15.60 29.70
CA GLU B 323 -7.96 -16.64 30.58
C GLU B 323 -6.89 -17.49 29.90
N ASP B 324 -5.97 -18.06 30.68
CA ASP B 324 -5.08 -19.08 30.19
C ASP B 324 -4.15 -18.55 29.09
N CYS B 325 -3.87 -17.25 29.19
CA CYS B 325 -3.15 -16.51 28.15
C CYS B 325 -1.93 -15.83 28.77
N GLY B 326 -0.77 -16.11 28.15
CA GLY B 326 0.51 -15.51 28.55
C GLY B 326 0.79 -14.19 27.81
N HIS B 327 2.09 -13.84 27.75
CA HIS B 327 2.46 -12.55 27.24
C HIS B 327 2.18 -12.45 25.73
N TRP B 328 2.28 -13.56 25.00
CA TRP B 328 2.26 -13.56 23.54
C TRP B 328 0.83 -13.69 23.03
N THR B 329 0.03 -12.71 23.39
CA THR B 329 -1.43 -12.83 23.41
C THR B 329 -1.98 -13.30 22.05
N GLN B 330 -1.53 -12.61 20.99
CA GLN B 330 -2.05 -12.84 19.66
C GLN B 330 -1.85 -14.27 19.17
N MET B 331 -0.74 -14.96 19.53
CA MET B 331 -0.52 -16.31 19.08
C MET B 331 -0.91 -17.33 20.14
N ASP B 332 -1.07 -16.89 21.41
CA ASP B 332 -1.53 -17.82 22.44
C ASP B 332 -3.03 -18.09 22.28
N LYS B 333 -3.82 -17.02 22.18
CA LYS B 333 -5.27 -17.08 22.14
C LYS B 333 -5.85 -16.24 20.98
N PRO B 334 -5.48 -16.61 19.74
CA PRO B 334 -5.86 -15.82 18.56
C PRO B 334 -7.36 -15.72 18.39
N THR B 335 -8.08 -16.81 18.64
CA THR B 335 -9.53 -16.77 18.47
C THR B 335 -10.19 -15.80 19.42
N GLU B 336 -9.73 -15.79 20.66
CA GLU B 336 -10.28 -14.92 21.69
C GLU B 336 -9.95 -13.46 21.39
N VAL B 337 -8.69 -13.21 20.99
CA VAL B 337 -8.27 -11.88 20.63
C VAL B 337 -9.17 -11.43 19.47
N ASN B 338 -9.40 -12.28 18.48
CA ASN B 338 -10.17 -11.84 17.30
C ASN B 338 -11.59 -11.46 17.73
N GLN B 339 -12.18 -12.29 18.61
CA GLN B 339 -13.55 -12.05 19.01
C GLN B 339 -13.67 -10.73 19.77
N ILE B 340 -12.74 -10.47 20.71
CA ILE B 340 -12.76 -9.27 21.51
C ILE B 340 -12.55 -8.03 20.62
N LEU B 341 -11.58 -8.08 19.71
CA LEU B 341 -11.32 -6.92 18.91
C LEU B 341 -12.46 -6.62 17.95
N ILE B 342 -13.02 -7.64 17.30
CA ILE B 342 -14.07 -7.40 16.29
C ILE B 342 -15.32 -6.88 16.99
N LYS B 343 -15.63 -7.43 18.15
CA LYS B 343 -16.80 -6.97 18.91
C LYS B 343 -16.64 -5.51 19.28
N TRP B 344 -15.44 -5.12 19.72
CA TRP B 344 -15.18 -3.76 20.13
C TRP B 344 -15.19 -2.81 18.93
N LEU B 345 -14.52 -3.19 17.83
CA LEU B 345 -14.48 -2.35 16.63
C LEU B 345 -15.89 -2.08 16.09
N ASP B 346 -16.70 -3.13 16.09
CA ASP B 346 -18.03 -3.04 15.50
C ASP B 346 -18.94 -2.19 16.37
N SER B 347 -18.71 -2.16 17.68
CA SER B 347 -19.59 -1.39 18.54
C SER B 347 -19.04 0.02 18.77
N ASP B 348 -17.70 0.23 18.69
CA ASP B 348 -17.13 1.55 18.95
C ASP B 348 -16.52 2.16 17.68
N ALA B 349 -17.33 2.13 16.61
CA ALA B 349 -17.05 2.73 15.31
C ALA B 349 -18.24 2.47 14.38
C10 WJ5 C . -6.82 1.96 -27.65
C11 WJ5 C . -5.32 1.79 -27.50
C13 WJ5 C . -2.50 3.91 -28.55
C15 WJ5 C . -1.17 6.97 -28.20
C17 WJ5 C . -0.20 9.06 -28.88
C18 WJ5 C . -1.45 9.50 -29.25
C20 WJ5 C . -2.40 7.46 -28.61
C1 WJ5 C . -4.93 1.20 -28.87
C2 WJ5 C . -6.19 1.03 -29.69
N1 WJ5 C . -7.13 1.99 -29.09
S1 WJ5 C . -8.70 2.01 -29.62
C3 WJ5 C . -9.37 0.39 -29.54
C4 WJ5 C . -10.21 0.04 -28.50
C5 WJ5 C . -10.69 -1.25 -28.45
C6 WJ5 C . -10.40 -2.17 -29.45
C7 WJ5 C . -10.98 -3.56 -29.40
C8 WJ5 C . -9.60 -1.77 -30.50
C9 WJ5 C . -9.06 -0.50 -30.56
O1 WJ5 C . -8.59 2.32 -31.03
O2 WJ5 C . -9.36 2.90 -28.74
C12 WJ5 C . -4.52 3.07 -27.30
N2 WJ5 C . -3.59 3.16 -28.44
N3 WJ5 C . -2.22 4.77 -27.56
C14 WJ5 C . -1.04 5.59 -27.58
C16 WJ5 C . -0.09 7.82 -28.33
CL1 WJ5 C . 1.56 7.27 -28.07
CL2 WJ5 C . -1.64 11.10 -29.87
C19 WJ5 C . -2.53 8.73 -29.12
O3 WJ5 C . -1.72 3.79 -29.52
C21 WJ5 C . -3.94 2.18 -29.49
C1 EDO D . 1.88 14.03 -1.96
O1 EDO D . 2.89 14.72 -2.73
C2 EDO D . 0.47 13.96 -2.52
O2 EDO D . -0.10 15.28 -2.82
C1 EDO E . -19.97 -7.31 -17.77
O1 EDO E . -20.58 -8.30 -18.54
C2 EDO E . -20.87 -6.55 -16.78
O2 EDO E . -22.25 -6.97 -16.60
C1 EDO F . -12.67 -3.00 -25.73
O1 EDO F . -13.28 -2.39 -26.85
C2 EDO F . -12.30 -2.02 -24.72
O2 EDO F . -11.58 -0.92 -25.32
C10 WJ5 G . 5.35 -2.02 28.64
C11 WJ5 G . 6.60 -2.34 27.81
C13 WJ5 G . 8.65 -5.41 27.77
C15 WJ5 G . 8.54 -8.70 27.20
C17 WJ5 G . 8.81 -11.08 27.58
C18 WJ5 G . 7.73 -11.05 28.43
C20 WJ5 G . 7.47 -8.71 28.06
C1 WJ5 G . 7.78 -2.07 28.78
C2 WJ5 G . 7.15 -1.27 29.92
N1 WJ5 G . 5.80 -1.84 30.03
S1 WJ5 G . 4.81 -1.34 31.24
C3 WJ5 G . 4.75 0.42 31.22
C4 WJ5 G . 5.76 1.14 31.85
C5 WJ5 G . 5.72 2.53 31.82
C6 WJ5 G . 4.70 3.21 31.19
C7 WJ5 G . 4.68 4.72 31.17
C8 WJ5 G . 3.69 2.47 30.57
C9 WJ5 G . 3.71 1.09 30.58
O1 WJ5 G . 5.48 -1.73 32.44
O2 WJ5 G . 3.50 -1.86 31.00
C12 WJ5 G . 6.74 -3.80 27.36
N2 WJ5 G . 7.93 -4.33 28.06
N3 WJ5 G . 8.19 -6.28 26.84
C14 WJ5 G . 8.94 -7.45 26.44
C16 WJ5 G . 9.18 -9.92 26.95
CL1 WJ5 G . 10.57 -10.06 25.92
CL2 WJ5 G . 7.28 -12.57 29.17
C19 WJ5 G . 7.05 -9.88 28.68
O3 WJ5 G . 9.76 -5.62 28.33
C21 WJ5 G . 8.31 -3.44 29.18
C1 EDO H . 0.82 -0.94 0.52
O1 EDO H . -0.20 -1.80 0.33
C2 EDO H . 0.82 0.34 -0.29
O2 EDO H . 0.37 1.48 0.35
C1 EDO I . 7.78 4.09 13.55
O1 EDO I . 7.69 5.22 14.40
C2 EDO I . 7.10 2.83 13.96
O2 EDO I . 7.50 2.35 15.13
C1 EDO J . -3.73 -13.57 3.89
O1 EDO J . -4.56 -14.55 4.58
C2 EDO J . -2.91 -14.17 2.79
O2 EDO J . -1.94 -15.13 3.21
#